data_8YUC
#
_entry.id   8YUC
#
_cell.length_a   127.264
_cell.length_b   127.264
_cell.length_c   240.894
_cell.angle_alpha   90.000
_cell.angle_beta   90.000
_cell.angle_gamma   120.000
#
_symmetry.space_group_name_H-M   'P 32 2 1'
#
loop_
_entity.id
_entity.type
_entity.pdbx_description
1 polymer "Spike protein S2'"
2 polymer 'PDI222 heavy chain'
3 polymer 'PDI222 light chain'
4 polymer 'COVA1-16 heavy chain'
5 polymer 'COVA1-16 light chain'
#
loop_
_entity_poly.entity_id
_entity_poly.type
_entity_poly.pdbx_seq_one_letter_code
_entity_poly.pdbx_strand_id
1 'polypeptide(L)'
;NLCPFHEVFNATTFASVYAWNRKRISNCVADYSVIYNFAPFFAFKCYGVSPTKLNDLCFTNVYADSFVIRGNEVSQIAPG
QTGNIADYNYKLPDDFTGCVIAWNSNKLDSTPSGNYNYRYRLFRKSKLKPFERDISTEIYQAGNKPCNGVAGPNCYSPLQ
SYGFRPTYGVGHQPYRVVVLSFELLHAPATVCGPKK
;
G
2 'polypeptide(L)'
;QVQLVQSGPEVKKPGTSVKVSCKASGFTFSSSAVQWVRQARGQRLEWIGWIVVGSGNANYAPRFQERVTITRDMSTNTAY
MELSSLRSEDTAVYYCAAPNCSRTLCYDGFNMWGQGTMVTVSSASTKGPSVFPLAPSSKSTSGGTAALGCLVKDYFPEPV
TVSWNSGALTSGVHTFPAVLQSSGLYSLSSVVTVPSSSLGTQTYICNVNHKPSNTKVDKKVEPKS
;
A
3 'polypeptide(L)'
;EIVLTQSPGSLSLSPGERATLSCRASQSVRSSYLGWYQQKPGQAPRLLIYGASSRATGIPDRFSGSGSETDFTLTISRLE
PEDFAVYYCQQYDSSPWTFGQGTKVEIKRTVAAPSVFIFPPSDEQLKSGTASVVCLLNNFYPREAKVQWKVDNALQSGNS
QESVTEQDSKDSTYSLSSTLTLSKADYEKHKVYACEVTHQGLSSPVTKSFNRGE
;
B
4 'polypeptide(L)'
;QVQLVQSGAEVKKPGASVKVSCKASGYTFTSYYMHWVRQAPGQGLEWMGIINSSGGSTSYAQKFQGRVTMTRDTSTSTVY
MELSSLRSEDTAVYYCARPPRNYYDRSGYYQRAEYFQHWGQGTLVTVSSASTKGPSVFPLAPSSKSTSGGTAALGCLVKD
YFPEPVTVSWNSGALTSGVHTFPAVLQSSGLYSLSSVVTVPSSSLGTQTYICNVNHKPSNTKVDKRVEPKS
;
H
5 'polypeptide(L)'
;DIQLTQSPSSLSASVGDRVTITCQASQDISNYLNWYQQRPGKAPKLLIYDASNLETGVPSRFSGSGSGTDFTFTISSLQP
EDIATYYCQQYDNPPLTFGGGTKLEIKRTVAAPSVFIFPPSDEQLKSGTASVVCLLNNFYPREAKVQWKVDNALQSGNSQ
ESVTEQDSKDSTYSLSSTLTLSKADYEKHKVYACEVTHQGLSSPVTKSFNRGE
;
L
#
# COMPACT_ATOMS: atom_id res chain seq x y z
N ASN A 1 -48.48 -26.34 25.77
CA ASN A 1 -48.56 -26.83 27.14
C ASN A 1 -47.19 -27.18 27.70
N LEU A 2 -46.16 -26.72 27.00
CA LEU A 2 -44.76 -27.03 27.25
C LEU A 2 -43.90 -26.28 26.24
N CYS A 3 -42.62 -26.09 26.54
CA CYS A 3 -41.73 -25.37 25.63
C CYS A 3 -41.09 -26.36 24.68
N PRO A 4 -41.50 -26.40 23.40
CA PRO A 4 -40.93 -27.32 22.38
C PRO A 4 -39.55 -26.89 21.88
N PHE A 5 -38.54 -27.17 22.70
CA PHE A 5 -37.18 -26.80 22.33
C PHE A 5 -36.62 -27.69 21.23
N HIS A 6 -37.01 -28.97 21.21
CA HIS A 6 -36.51 -29.89 20.19
C HIS A 6 -36.81 -29.37 18.79
N GLU A 7 -38.01 -28.80 18.59
CA GLU A 7 -38.38 -28.27 17.28
C GLU A 7 -37.38 -27.26 16.76
N VAL A 8 -36.60 -26.63 17.63
CA VAL A 8 -35.57 -25.70 17.21
C VAL A 8 -34.20 -26.38 17.11
N PHE A 9 -33.93 -27.34 18.01
CA PHE A 9 -32.62 -27.99 18.05
C PHE A 9 -32.60 -29.32 17.34
N ASN A 10 -33.70 -30.08 17.36
CA ASN A 10 -33.79 -31.37 16.68
C ASN A 10 -34.36 -31.21 15.27
N ALA A 11 -34.46 -29.98 14.77
CA ALA A 11 -34.99 -29.75 13.43
C ALA A 11 -34.08 -30.39 12.40
N THR A 12 -34.71 -30.85 11.30
CA THR A 12 -33.96 -31.56 10.27
C THR A 12 -33.02 -30.63 9.52
N THR A 13 -33.47 -29.40 9.22
CA THR A 13 -32.67 -28.47 8.43
C THR A 13 -32.83 -27.07 9.01
N PHE A 14 -31.70 -26.41 9.28
CA PHE A 14 -31.71 -25.04 9.73
C PHE A 14 -31.81 -24.09 8.54
N ALA A 15 -32.05 -22.82 8.82
CA ALA A 15 -32.18 -21.81 7.79
C ALA A 15 -30.82 -21.16 7.50
N SER A 16 -30.73 -20.55 6.32
CA SER A 16 -29.56 -19.76 5.99
C SER A 16 -29.49 -18.54 6.89
N VAL A 17 -28.27 -18.00 7.05
CA VAL A 17 -28.08 -16.92 8.01
C VAL A 17 -28.73 -15.63 7.52
N TYR A 18 -28.82 -15.43 6.21
CA TYR A 18 -29.48 -14.24 5.70
C TYR A 18 -31.00 -14.32 5.88
N ALA A 19 -31.54 -15.53 5.94
CA ALA A 19 -32.96 -15.73 6.21
C ALA A 19 -33.13 -16.55 7.48
N TRP A 20 -32.58 -16.08 8.58
CA TRP A 20 -32.61 -16.82 9.84
C TRP A 20 -34.04 -16.99 10.34
N ASN A 21 -34.33 -18.18 10.87
CA ASN A 21 -35.66 -18.49 11.36
C ASN A 21 -35.84 -17.96 12.79
N ARG A 22 -37.04 -17.46 13.08
CA ARG A 22 -37.40 -17.03 14.42
C ARG A 22 -38.63 -17.79 14.87
N LYS A 23 -38.60 -18.29 16.10
CA LYS A 23 -39.73 -18.97 16.71
C LYS A 23 -39.96 -18.43 18.12
N ARG A 24 -41.22 -18.15 18.45
CA ARG A 24 -41.58 -17.71 19.78
C ARG A 24 -43.07 -17.93 19.99
N SER A 26 -44.20 -19.64 23.66
CA SER A 26 -44.47 -19.20 25.02
C SER A 26 -45.48 -20.10 25.71
N ASN A 27 -46.13 -19.55 26.75
CA ASN A 27 -47.04 -20.29 27.61
C ASN A 27 -46.48 -21.67 27.96
N CYS A 28 -45.40 -21.72 28.72
CA CYS A 28 -44.78 -23.03 28.90
C CYS A 28 -43.75 -22.99 30.02
N VAL A 29 -43.20 -24.17 30.27
CA VAL A 29 -42.13 -24.43 31.24
C VAL A 29 -40.84 -24.64 30.46
N ALA A 30 -39.88 -23.74 30.64
CA ALA A 30 -38.58 -23.77 29.98
C ALA A 30 -37.71 -24.82 30.68
N ASP A 31 -37.90 -26.07 30.26
CA ASP A 31 -37.06 -27.18 30.74
C ASP A 31 -35.91 -27.31 29.77
N TYR A 32 -34.79 -26.66 30.09
CA TYR A 32 -33.66 -26.58 29.19
C TYR A 32 -32.89 -27.89 29.09
N SER A 33 -33.14 -28.85 29.98
CA SER A 33 -32.41 -30.11 29.97
C SER A 33 -32.59 -30.86 28.65
N VAL A 34 -33.76 -30.70 28.01
CA VAL A 34 -34.02 -31.35 26.73
C VAL A 34 -33.01 -30.93 25.67
N ILE A 35 -32.34 -29.80 25.87
CA ILE A 35 -31.33 -29.34 24.92
C ILE A 35 -30.05 -30.17 25.01
N TYR A 36 -29.81 -30.84 26.15
CA TYR A 36 -28.57 -31.59 26.31
C TYR A 36 -28.58 -32.91 25.55
N ASN A 37 -29.74 -33.36 25.09
CA ASN A 37 -29.82 -34.50 24.16
C ASN A 37 -28.99 -34.23 22.92
N PHE A 38 -28.50 -32.99 22.81
CA PHE A 38 -27.76 -32.46 21.68
C PHE A 38 -26.34 -32.09 22.08
N ALA A 39 -25.95 -32.47 23.30
CA ALA A 39 -24.67 -32.30 24.00
C ALA A 39 -24.34 -30.84 24.29
N PRO A 40 -23.54 -30.55 25.33
CA PRO A 40 -23.06 -29.18 25.52
C PRO A 40 -22.03 -28.82 24.46
N PHE A 41 -21.99 -27.55 24.10
CA PHE A 41 -20.93 -27.16 23.20
C PHE A 41 -20.06 -26.11 23.86
N PHE A 42 -20.14 -24.88 23.40
CA PHE A 42 -19.21 -23.90 23.89
C PHE A 42 -19.81 -22.52 23.82
N ALA A 43 -19.35 -21.68 24.73
CA ALA A 43 -19.56 -20.25 24.65
C ALA A 43 -21.05 -19.93 24.65
N PHE A 44 -21.76 -20.46 25.64
CA PHE A 44 -23.14 -20.06 25.89
C PHE A 44 -23.17 -18.55 25.94
N LYS A 45 -22.07 -17.97 26.42
CA LYS A 45 -21.81 -16.53 26.44
C LYS A 45 -23.02 -15.68 26.72
N CYS A 46 -23.97 -16.22 27.48
CA CYS A 46 -25.16 -15.49 27.89
C CYS A 46 -24.77 -14.13 28.43
N TYR A 47 -25.33 -13.08 27.84
CA TYR A 47 -25.04 -11.71 28.22
C TYR A 47 -26.22 -11.16 29.00
N GLY A 48 -25.95 -10.63 30.19
CA GLY A 48 -26.98 -10.08 31.05
C GLY A 48 -27.88 -11.10 31.72
N VAL A 49 -27.69 -12.39 31.48
CA VAL A 49 -28.55 -13.44 32.03
C VAL A 49 -27.66 -14.55 32.59
N SER A 50 -27.94 -14.97 33.82
CA SER A 50 -27.26 -16.11 34.42
C SER A 50 -28.08 -17.36 34.18
N PRO A 51 -27.57 -18.36 33.46
CA PRO A 51 -28.41 -19.50 33.07
C PRO A 51 -28.78 -20.41 34.22
N THR A 52 -27.94 -20.53 35.25
CA THR A 52 -28.31 -21.36 36.40
C THR A 52 -29.49 -20.77 37.16
N LYS A 53 -29.81 -19.49 36.93
CA LYS A 53 -31.01 -18.87 37.46
C LYS A 53 -32.19 -18.99 36.51
N LEU A 54 -31.95 -19.38 35.25
CA LEU A 54 -33.02 -19.47 34.26
C LEU A 54 -34.11 -20.45 34.69
N ASN A 55 -33.74 -21.48 35.46
CA ASN A 55 -34.72 -22.46 35.91
C ASN A 55 -35.62 -21.95 37.03
N ASP A 56 -35.36 -20.75 37.57
CA ASP A 56 -36.23 -20.15 38.57
C ASP A 56 -36.55 -18.71 38.19
N LEU A 57 -36.71 -18.44 36.90
CA LEU A 57 -37.05 -17.12 36.41
C LEU A 57 -38.22 -17.22 35.45
N CYS A 58 -38.97 -16.14 35.34
CA CYS A 58 -40.13 -16.06 34.46
C CYS A 58 -39.99 -14.89 33.50
N PHE A 59 -40.38 -15.11 32.25
CA PHE A 59 -40.26 -14.12 31.20
C PHE A 59 -41.57 -14.03 30.42
N THR A 60 -41.76 -12.88 29.77
CA THR A 60 -42.94 -12.71 28.93
C THR A 60 -42.88 -13.64 27.73
N ASN A 61 -41.74 -13.68 27.04
CA ASN A 61 -41.59 -14.50 25.83
C ASN A 61 -40.13 -14.90 25.70
N VAL A 62 -39.89 -15.89 24.84
CA VAL A 62 -38.54 -16.38 24.55
C VAL A 62 -38.41 -16.59 23.05
N TYR A 63 -37.50 -15.87 22.41
CA TYR A 63 -37.32 -15.90 20.97
C TYR A 63 -36.11 -16.77 20.62
N ALA A 64 -36.33 -17.80 19.81
CA ALA A 64 -35.27 -18.70 19.36
C ALA A 64 -34.99 -18.39 17.89
N ASP A 65 -33.82 -17.80 17.63
CA ASP A 65 -33.39 -17.47 16.27
C ASP A 65 -32.34 -18.48 15.85
N SER A 66 -32.69 -19.35 14.91
CA SER A 66 -31.84 -20.44 14.46
C SER A 66 -31.33 -20.18 13.05
N PHE A 67 -30.06 -20.50 12.82
CA PHE A 67 -29.45 -20.42 11.49
C PHE A 67 -28.17 -21.25 11.52
N VAL A 68 -27.40 -21.18 10.43
CA VAL A 68 -26.15 -21.92 10.30
C VAL A 68 -25.11 -21.01 9.66
N ILE A 69 -23.94 -20.92 10.28
CA ILE A 69 -22.81 -20.18 9.73
C ILE A 69 -21.60 -21.11 9.68
N ARG A 70 -20.42 -20.54 9.47
CA ARG A 70 -19.18 -21.33 9.50
C ARG A 70 -18.45 -21.07 10.81
N GLY A 71 -17.41 -21.88 11.05
CA GLY A 71 -16.68 -21.85 12.30
C GLY A 71 -16.10 -20.51 12.68
N ASN A 72 -15.19 -19.99 11.87
CA ASN A 72 -14.52 -18.72 12.18
C ASN A 72 -15.46 -17.51 12.17
N GLU A 73 -16.78 -17.67 12.02
CA GLU A 73 -17.73 -16.59 12.16
C GLU A 73 -18.60 -16.72 13.39
N VAL A 74 -18.48 -17.82 14.14
CA VAL A 74 -19.28 -18.01 15.35
C VAL A 74 -19.05 -16.88 16.34
N SER A 75 -17.83 -16.31 16.35
CA SER A 75 -17.53 -15.22 17.28
C SER A 75 -18.29 -13.94 16.95
N GLN A 76 -18.87 -13.83 15.76
CA GLN A 76 -19.61 -12.62 15.40
C GLN A 76 -21.00 -12.56 16.01
N ILE A 77 -21.56 -13.71 16.41
CA ILE A 77 -22.88 -13.74 17.01
C ILE A 77 -22.77 -13.29 18.47
N ALA A 78 -22.53 -12.00 18.67
CA ALA A 78 -22.32 -11.43 20.00
C ALA A 78 -22.56 -9.93 19.92
N PRO A 79 -22.92 -9.29 21.02
CA PRO A 79 -23.15 -7.84 20.98
C PRO A 79 -21.89 -7.07 20.63
N GLY A 80 -22.03 -6.14 19.69
CA GLY A 80 -20.94 -5.25 19.33
C GLY A 80 -19.83 -5.89 18.53
N GLN A 81 -20.14 -6.87 17.68
CA GLN A 81 -19.17 -7.50 16.82
C GLN A 81 -19.36 -7.02 15.38
N THR A 82 -18.25 -6.89 14.68
CA THR A 82 -18.25 -6.56 13.26
C THR A 82 -17.87 -7.79 12.44
N GLY A 83 -17.98 -7.66 11.13
CA GLY A 83 -17.68 -8.74 10.20
C GLY A 83 -18.80 -8.97 9.22
N ASN A 84 -18.61 -9.99 8.39
CA ASN A 84 -19.57 -10.28 7.33
C ASN A 84 -20.94 -10.62 7.90
N ILE A 85 -21.00 -11.66 8.73
CA ILE A 85 -22.29 -12.11 9.27
C ILE A 85 -22.87 -11.07 10.21
N ALA A 86 -22.03 -10.45 11.03
CA ALA A 86 -22.53 -9.49 12.02
C ALA A 86 -23.07 -8.23 11.36
N ASP A 87 -22.55 -7.85 10.19
CA ASP A 87 -22.98 -6.63 9.54
C ASP A 87 -24.10 -6.85 8.53
N TYR A 88 -24.07 -7.96 7.79
CA TYR A 88 -24.95 -8.13 6.64
C TYR A 88 -25.92 -9.29 6.75
N ASN A 89 -25.98 -9.97 7.89
CA ASN A 89 -26.85 -11.15 7.99
C ASN A 89 -27.66 -11.17 9.28
N TYR A 90 -26.99 -11.32 10.42
CA TYR A 90 -27.64 -11.37 11.72
C TYR A 90 -26.91 -10.42 12.67
N LYS A 91 -27.64 -9.45 13.20
CA LYS A 91 -27.08 -8.42 14.08
C LYS A 91 -27.75 -8.52 15.44
N LEU A 92 -26.95 -8.71 16.48
CA LEU A 92 -27.39 -8.71 17.87
C LEU A 92 -27.24 -7.31 18.47
N PRO A 93 -28.20 -6.87 19.26
CA PRO A 93 -28.09 -5.53 19.87
C PRO A 93 -27.01 -5.50 20.94
N ASP A 94 -26.56 -4.28 21.25
CA ASP A 94 -25.51 -4.12 22.25
C ASP A 94 -26.05 -4.34 23.65
N ASP A 95 -27.35 -4.12 23.87
CA ASP A 95 -28.01 -4.41 25.14
C ASP A 95 -28.68 -5.78 25.12
N PHE A 96 -28.13 -6.72 24.39
CA PHE A 96 -28.73 -8.04 24.25
C PHE A 96 -28.70 -8.78 25.58
N THR A 97 -29.88 -9.09 26.11
CA THR A 97 -30.03 -9.89 27.33
C THR A 97 -30.52 -11.27 26.89
N GLY A 98 -29.57 -12.15 26.62
CA GLY A 98 -29.92 -13.48 26.16
C GLY A 98 -28.69 -14.34 25.95
N CYS A 99 -28.91 -15.49 25.34
CA CYS A 99 -27.88 -16.51 25.18
C CYS A 99 -27.66 -16.83 23.70
N VAL A 100 -26.49 -17.40 23.42
CA VAL A 100 -26.14 -17.87 22.08
C VAL A 100 -25.55 -19.27 22.23
N ILE A 101 -26.22 -20.26 21.65
CA ILE A 101 -25.79 -21.65 21.70
C ILE A 101 -25.41 -22.05 20.27
N ALA A 102 -24.12 -22.31 20.07
CA ALA A 102 -23.59 -22.73 18.78
C ALA A 102 -22.91 -24.08 18.92
N TRP A 103 -23.00 -24.91 17.88
CA TRP A 103 -22.33 -26.20 17.91
C TRP A 103 -22.02 -26.66 16.50
N ASN A 104 -20.92 -27.41 16.38
CA ASN A 104 -20.51 -27.94 15.07
C ASN A 104 -21.56 -28.89 14.53
N SER A 105 -21.80 -28.80 13.23
CA SER A 105 -22.77 -29.66 12.55
C SER A 105 -22.22 -30.13 11.21
N ASN A 106 -20.93 -30.44 11.16
CA ASN A 106 -20.34 -31.01 9.96
C ASN A 106 -20.92 -32.38 9.65
N LYS A 107 -21.47 -33.06 10.65
CA LYS A 107 -22.13 -34.35 10.42
C LYS A 107 -23.49 -34.17 9.77
N LEU A 108 -24.15 -33.03 9.99
CA LEU A 108 -25.52 -32.81 9.55
C LEU A 108 -25.62 -31.94 8.31
N ASP A 109 -24.80 -30.89 8.22
CA ASP A 109 -24.93 -29.88 7.18
C ASP A 109 -23.83 -29.96 6.13
N SER A 110 -23.16 -31.11 6.01
CA SER A 110 -22.09 -31.28 5.04
C SER A 110 -22.34 -32.52 4.19
N THR A 111 -22.08 -32.38 2.90
CA THR A 111 -22.15 -33.46 1.93
C THR A 111 -20.84 -33.53 1.15
N PRO A 112 -20.48 -34.70 0.63
CA PRO A 112 -19.22 -34.81 -0.14
C PRO A 112 -19.16 -33.86 -1.32
N SER A 113 -20.28 -33.59 -1.99
CA SER A 113 -20.29 -32.69 -3.12
C SER A 113 -20.39 -31.22 -2.70
N GLY A 114 -20.82 -30.95 -1.48
CA GLY A 114 -20.93 -29.58 -1.01
C GLY A 114 -22.36 -29.13 -0.79
N ASN A 115 -22.67 -28.67 0.42
CA ASN A 115 -24.01 -28.19 0.76
C ASN A 115 -24.08 -26.70 0.42
N TYR A 116 -24.51 -26.41 -0.81
CA TYR A 116 -24.66 -25.05 -1.28
C TYR A 116 -26.04 -24.47 -0.96
N ASN A 117 -26.83 -25.15 -0.13
CA ASN A 117 -28.14 -24.63 0.24
C ASN A 117 -28.03 -23.55 1.31
N TYR A 118 -27.07 -23.67 2.22
CA TYR A 118 -26.84 -22.63 3.22
C TYR A 118 -26.13 -21.46 2.56
N ARG A 119 -26.73 -20.27 2.67
CA ARG A 119 -26.23 -19.09 1.99
C ARG A 119 -26.04 -17.95 2.98
N TYR A 120 -25.30 -16.94 2.54
CA TYR A 120 -24.99 -15.78 3.38
C TYR A 120 -24.85 -14.55 2.49
N ARG A 121 -25.23 -13.40 3.03
CA ARG A 121 -25.14 -12.14 2.29
C ARG A 121 -23.71 -11.64 2.28
N LEU A 122 -23.23 -11.23 1.11
CA LEU A 122 -21.87 -10.76 0.93
C LEU A 122 -21.75 -9.27 0.68
N PHE A 123 -22.76 -8.65 0.07
CA PHE A 123 -22.73 -7.23 -0.24
C PHE A 123 -23.97 -6.54 0.31
N ARG A 124 -23.79 -5.33 0.83
CA ARG A 124 -24.89 -4.49 1.30
C ARG A 124 -24.38 -3.08 1.50
N LYS A 125 -25.21 -2.10 1.14
CA LYS A 125 -24.80 -0.70 1.23
C LYS A 125 -24.81 -0.16 2.65
N SER A 126 -25.54 -0.79 3.56
CA SER A 126 -25.62 -0.34 4.94
C SER A 126 -25.53 -1.54 5.87
N LYS A 127 -25.11 -1.28 7.11
CA LYS A 127 -25.03 -2.35 8.09
C LYS A 127 -26.39 -2.58 8.74
N LEU A 128 -26.64 -3.83 9.10
CA LEU A 128 -27.96 -4.23 9.59
C LEU A 128 -28.22 -3.67 10.98
N LYS A 129 -29.46 -3.23 11.20
CA LYS A 129 -29.90 -2.88 12.53
C LYS A 129 -30.12 -4.14 13.35
N PRO A 130 -30.17 -4.03 14.68
CA PRO A 130 -30.32 -5.23 15.52
C PRO A 130 -31.58 -6.01 15.17
N PHE A 131 -31.42 -7.33 15.07
CA PHE A 131 -32.51 -8.28 14.79
C PHE A 131 -33.20 -8.00 13.45
N GLU A 132 -32.52 -7.35 12.52
CA GLU A 132 -33.10 -7.03 11.22
C GLU A 132 -32.76 -8.12 10.22
N ARG A 133 -33.78 -8.63 9.53
CA ARG A 133 -33.61 -9.65 8.50
C ARG A 133 -33.65 -9.00 7.12
N ASP A 134 -32.82 -9.50 6.21
CA ASP A 134 -32.74 -8.99 4.85
C ASP A 134 -32.76 -10.18 3.90
N ILE A 135 -33.80 -10.25 3.07
CA ILE A 135 -33.93 -11.32 2.09
C ILE A 135 -33.92 -10.74 0.69
N SER A 136 -33.19 -9.64 0.50
CA SER A 136 -33.10 -9.00 -0.80
C SER A 136 -32.37 -9.89 -1.79
N THR A 137 -32.68 -9.70 -3.08
CA THR A 137 -31.98 -10.37 -4.16
C THR A 137 -31.48 -9.40 -5.21
N GLU A 138 -31.51 -8.10 -4.92
CA GLU A 138 -31.05 -7.10 -5.87
C GLU A 138 -29.54 -7.21 -6.07
N ILE A 139 -29.12 -7.21 -7.33
CA ILE A 139 -27.70 -7.34 -7.66
C ILE A 139 -27.01 -6.03 -7.31
N TYR A 140 -26.06 -6.08 -6.37
CA TYR A 140 -25.25 -4.90 -6.09
C TYR A 140 -24.31 -4.63 -7.26
N GLN A 141 -24.03 -3.35 -7.48
CA GLN A 141 -23.10 -2.92 -8.53
C GLN A 141 -21.86 -2.29 -7.90
N ALA A 142 -20.68 -2.80 -8.26
CA ALA A 142 -19.45 -2.13 -7.86
C ALA A 142 -19.41 -0.76 -8.53
N GLY A 143 -19.99 0.23 -7.86
CA GLY A 143 -20.17 1.56 -8.37
C GLY A 143 -21.61 2.00 -8.14
N ASN A 144 -22.08 2.88 -9.03
CA ASN A 144 -23.40 3.48 -8.93
C ASN A 144 -24.12 3.36 -10.28
N LYS A 145 -24.38 2.13 -10.69
CA LYS A 145 -24.91 1.86 -12.02
C LYS A 145 -26.06 0.87 -11.95
N PRO A 146 -26.90 0.81 -12.98
CA PRO A 146 -27.98 -0.17 -12.98
C PRO A 146 -27.65 -1.46 -13.70
N CYS A 147 -27.32 -2.51 -12.93
CA CYS A 147 -27.13 -3.82 -13.52
C CYS A 147 -28.38 -4.35 -14.20
N ASN A 148 -29.55 -3.87 -13.79
CA ASN A 148 -30.82 -4.31 -14.37
C ASN A 148 -31.01 -5.82 -14.26
N GLY A 149 -30.45 -6.39 -13.19
CA GLY A 149 -30.47 -7.82 -12.98
C GLY A 149 -29.26 -8.56 -13.52
N VAL A 150 -28.46 -7.91 -14.37
CA VAL A 150 -27.29 -8.57 -14.96
C VAL A 150 -26.25 -8.80 -13.87
N ALA A 151 -25.95 -10.07 -13.60
CA ALA A 151 -24.95 -10.45 -12.61
C ALA A 151 -23.64 -10.73 -13.35
N GLY A 152 -22.72 -9.78 -13.30
CA GLY A 152 -21.44 -9.94 -13.97
C GLY A 152 -20.45 -8.84 -13.63
N PRO A 153 -20.12 -8.02 -14.62
CA PRO A 153 -19.08 -6.98 -14.42
C PRO A 153 -19.56 -5.88 -13.48
N ASN A 154 -18.81 -5.67 -12.39
CA ASN A 154 -19.14 -4.69 -11.37
C ASN A 154 -20.61 -4.80 -10.96
N CYS A 155 -21.09 -6.04 -10.88
CA CYS A 155 -22.50 -6.31 -10.63
C CYS A 155 -22.58 -7.68 -9.97
N TYR A 156 -22.72 -7.70 -8.65
CA TYR A 156 -22.45 -8.89 -7.86
C TYR A 156 -23.74 -9.42 -7.25
N SER A 157 -23.92 -10.73 -7.31
CA SER A 157 -25.01 -11.36 -6.58
C SER A 157 -24.81 -11.12 -5.08
N PRO A 158 -25.81 -10.58 -4.38
CA PRO A 158 -25.61 -10.24 -2.96
C PRO A 158 -25.47 -11.45 -2.05
N LEU A 159 -25.79 -12.65 -2.53
CA LEU A 159 -25.74 -13.85 -1.72
C LEU A 159 -24.72 -14.83 -2.29
N GLN A 160 -24.02 -15.52 -1.39
CA GLN A 160 -23.05 -16.54 -1.75
C GLN A 160 -23.30 -17.79 -0.92
N SER A 161 -23.03 -18.95 -1.51
CA SER A 161 -23.22 -20.22 -0.83
C SER A 161 -21.94 -20.68 -0.15
N TYR A 162 -22.11 -21.35 0.98
CA TYR A 162 -20.96 -21.90 1.70
C TYR A 162 -20.37 -23.09 0.96
N GLY A 163 -21.20 -24.10 0.68
CA GLY A 163 -20.72 -25.32 0.07
C GLY A 163 -20.00 -26.20 1.06
N PHE A 164 -20.67 -26.54 2.16
CA PHE A 164 -20.04 -27.28 3.24
C PHE A 164 -19.69 -28.70 2.79
N ARG A 165 -18.45 -29.10 3.04
CA ARG A 165 -17.97 -30.44 2.78
C ARG A 165 -17.33 -31.01 4.05
N PRO A 166 -17.36 -32.33 4.22
CA PRO A 166 -16.77 -32.92 5.43
C PRO A 166 -15.27 -32.75 5.53
N THR A 167 -14.59 -32.41 4.45
CA THR A 167 -13.13 -32.31 4.44
C THR A 167 -12.62 -30.92 4.83
N TYR A 168 -13.51 -29.98 5.15
CA TYR A 168 -13.10 -28.63 5.49
C TYR A 168 -12.53 -28.57 6.90
N GLY A 169 -11.68 -27.57 7.13
CA GLY A 169 -11.20 -27.30 8.47
C GLY A 169 -12.29 -26.76 9.37
N VAL A 170 -12.05 -26.84 10.68
CA VAL A 170 -13.06 -26.44 11.65
C VAL A 170 -13.43 -24.98 11.49
N GLY A 171 -12.50 -24.15 11.02
CA GLY A 171 -12.81 -22.77 10.74
C GLY A 171 -13.74 -22.58 9.55
N HIS A 172 -13.88 -23.60 8.70
CA HIS A 172 -14.74 -23.54 7.54
C HIS A 172 -15.85 -24.59 7.58
N GLN A 173 -16.02 -25.30 8.71
CA GLN A 173 -17.05 -26.31 8.89
C GLN A 173 -18.35 -25.66 9.35
N PRO A 174 -19.50 -26.26 9.03
CA PRO A 174 -20.78 -25.64 9.39
C PRO A 174 -21.05 -25.72 10.89
N TYR A 175 -21.66 -24.66 11.42
CA TYR A 175 -22.02 -24.57 12.83
C TYR A 175 -23.46 -24.12 12.96
N ARG A 176 -24.26 -24.89 13.69
CA ARG A 176 -25.65 -24.53 13.94
C ARG A 176 -25.71 -23.59 15.15
N VAL A 177 -26.47 -22.50 15.00
CA VAL A 177 -26.54 -21.45 16.01
C VAL A 177 -27.99 -21.21 16.38
N VAL A 178 -28.27 -21.14 17.68
CA VAL A 178 -29.58 -20.80 18.20
C VAL A 178 -29.40 -19.67 19.21
N VAL A 179 -29.99 -18.50 18.91
CA VAL A 179 -29.92 -17.34 19.78
C VAL A 179 -31.21 -17.26 20.56
N LEU A 180 -31.12 -17.26 21.89
CA LEU A 180 -32.27 -17.19 22.77
C LEU A 180 -32.37 -15.80 23.36
N SER A 181 -33.44 -15.08 23.00
CA SER A 181 -33.69 -13.73 23.50
C SER A 181 -34.83 -13.80 24.51
N PHE A 182 -34.57 -13.35 25.74
CA PHE A 182 -35.53 -13.42 26.83
C PHE A 182 -36.26 -12.08 26.90
N GLU A 183 -37.50 -12.06 26.42
CA GLU A 183 -38.29 -10.83 26.35
C GLU A 183 -39.04 -10.63 27.65
N LEU A 184 -38.73 -9.55 28.36
CA LEU A 184 -39.42 -9.16 29.58
C LEU A 184 -40.17 -7.86 29.30
N LEU A 185 -41.45 -7.97 28.97
CA LEU A 185 -42.31 -6.82 28.76
C LEU A 185 -43.22 -6.62 29.97
N HIS A 186 -43.86 -5.45 30.02
CA HIS A 186 -44.82 -5.19 31.08
C HIS A 186 -46.11 -5.97 30.81
N ALA A 187 -46.03 -7.30 30.94
CA ALA A 187 -47.14 -8.18 30.62
C ALA A 187 -46.97 -9.45 31.44
N PRO A 188 -48.06 -10.22 31.64
CA PRO A 188 -47.93 -11.46 32.40
C PRO A 188 -46.90 -12.40 31.79
N ALA A 189 -46.13 -13.05 32.66
CA ALA A 189 -45.09 -13.97 32.19
C ALA A 189 -45.71 -15.25 31.65
N THR A 190 -45.15 -15.77 30.56
CA THR A 190 -45.67 -16.97 29.93
C THR A 190 -44.72 -18.15 29.95
N VAL A 191 -43.42 -17.93 30.15
CA VAL A 191 -42.42 -18.98 30.17
C VAL A 191 -41.76 -18.96 31.53
N CYS A 192 -41.96 -20.01 32.32
CA CYS A 192 -41.26 -20.09 33.60
C CYS A 192 -40.37 -21.33 33.66
N GLY A 193 -39.34 -21.23 34.50
CA GLY A 193 -38.45 -22.34 34.75
C GLY A 193 -39.20 -23.46 35.45
N PRO A 194 -38.60 -24.65 35.46
CA PRO A 194 -39.24 -25.77 36.18
C PRO A 194 -39.40 -25.53 37.68
N LYS A 195 -38.73 -24.52 38.24
CA LYS A 195 -38.84 -24.18 39.65
C LYS A 195 -39.66 -22.92 39.90
N LYS A 196 -40.09 -22.23 38.85
CA LYS A 196 -40.89 -21.02 38.97
C LYS A 196 -40.21 -19.96 39.83
N GLN B 1 -1.24 6.23 0.33
CA GLN B 1 -0.50 5.80 -0.85
C GLN B 1 -1.01 4.44 -1.35
N VAL B 2 -2.24 4.43 -1.86
CA VAL B 2 -2.82 3.20 -2.39
C VAL B 2 -2.05 2.76 -3.63
N GLN B 3 -1.70 1.48 -3.68
CA GLN B 3 -0.90 0.98 -4.80
C GLN B 3 -1.10 -0.53 -4.94
N LEU B 4 -0.61 -1.03 -6.07
CA LEU B 4 -0.73 -2.44 -6.44
C LEU B 4 0.65 -2.90 -6.94
N VAL B 5 1.36 -3.64 -6.10
CA VAL B 5 2.73 -4.07 -6.40
C VAL B 5 2.69 -5.55 -6.74
N GLN B 6 3.35 -5.93 -7.82
CA GLN B 6 3.39 -7.32 -8.24
C GLN B 6 4.83 -7.84 -8.22
N SER B 7 4.97 -9.11 -8.54
CA SER B 7 6.27 -9.77 -8.51
C SER B 7 7.12 -9.33 -9.71
N GLY B 8 8.41 -9.67 -9.64
CA GLY B 8 9.31 -9.39 -10.71
C GLY B 8 9.03 -10.24 -11.93
N PRO B 9 9.89 -10.11 -12.94
CA PRO B 9 9.71 -10.88 -14.18
C PRO B 9 10.21 -12.31 -14.04
N GLU B 10 9.44 -13.24 -14.60
CA GLU B 10 9.84 -14.63 -14.69
C GLU B 10 10.09 -15.00 -16.15
N VAL B 11 10.99 -15.96 -16.35
CA VAL B 11 11.36 -16.44 -17.68
C VAL B 11 11.44 -17.95 -17.62
N LYS B 12 10.56 -18.63 -18.35
CA LYS B 12 10.39 -20.07 -18.19
C LYS B 12 10.30 -20.74 -19.55
N LYS B 13 10.91 -21.92 -19.66
CA LYS B 13 10.94 -22.64 -20.92
C LYS B 13 9.53 -23.01 -21.36
N PRO B 14 9.29 -23.18 -22.66
CA PRO B 14 7.95 -23.51 -23.14
C PRO B 14 7.43 -24.82 -22.56
N GLY B 15 6.10 -24.89 -22.42
CA GLY B 15 5.43 -26.06 -21.92
C GLY B 15 5.07 -26.02 -20.45
N THR B 16 5.79 -25.21 -19.66
CA THR B 16 5.55 -25.15 -18.22
C THR B 16 4.35 -24.25 -17.91
N SER B 17 4.08 -24.08 -16.62
CA SER B 17 2.98 -23.25 -16.14
C SER B 17 3.56 -22.12 -15.29
N VAL B 18 3.10 -20.89 -15.54
CA VAL B 18 3.64 -19.70 -14.89
C VAL B 18 2.59 -19.13 -13.93
N LYS B 19 3.06 -18.61 -12.80
CA LYS B 19 2.22 -18.05 -11.75
C LYS B 19 2.59 -16.58 -11.58
N VAL B 20 1.63 -15.69 -11.79
CA VAL B 20 1.82 -14.26 -11.57
C VAL B 20 0.91 -13.84 -10.42
N SER B 21 1.37 -12.86 -9.64
CA SER B 21 0.62 -12.42 -8.47
C SER B 21 0.74 -10.91 -8.31
N CYS B 22 -0.34 -10.30 -7.81
CA CYS B 22 -0.37 -8.88 -7.50
C CYS B 22 -0.88 -8.70 -6.07
N LYS B 23 -0.07 -8.04 -5.23
CA LYS B 23 -0.45 -7.71 -3.87
C LYS B 23 -0.86 -6.24 -3.82
N ALA B 24 -2.04 -5.98 -3.26
CA ALA B 24 -2.55 -4.62 -3.14
C ALA B 24 -2.30 -4.09 -1.73
N SER B 25 -2.14 -2.77 -1.62
CA SER B 25 -1.88 -2.17 -0.33
C SER B 25 -2.42 -0.75 -0.30
N GLY B 26 -2.94 -0.34 0.87
CA GLY B 26 -3.40 1.00 1.10
C GLY B 26 -4.91 1.18 1.10
N PHE B 27 -5.66 0.17 0.69
CA PHE B 27 -7.11 0.31 0.53
C PHE B 27 -7.79 -1.01 0.85
N THR B 28 -9.12 -0.97 0.90
CA THR B 28 -9.92 -2.15 1.20
C THR B 28 -9.93 -3.08 -0.02
N PHE B 29 -9.25 -4.22 0.10
CA PHE B 29 -9.11 -5.12 -1.04
C PHE B 29 -10.42 -5.82 -1.38
N SER B 30 -11.10 -6.36 -0.37
CA SER B 30 -12.25 -7.23 -0.61
C SER B 30 -13.36 -6.51 -1.38
N SER B 31 -13.44 -5.19 -1.27
CA SER B 31 -14.50 -4.45 -1.96
C SER B 31 -14.27 -4.42 -3.46
N SER B 32 -13.02 -4.33 -3.89
CA SER B 32 -12.69 -4.09 -5.28
C SER B 32 -12.65 -5.40 -6.06
N ALA B 33 -12.15 -5.32 -7.29
CA ALA B 33 -11.94 -6.48 -8.16
C ALA B 33 -10.75 -6.20 -9.04
N VAL B 34 -10.07 -7.27 -9.49
CA VAL B 34 -8.81 -7.14 -10.20
C VAL B 34 -8.98 -7.68 -11.61
N GLN B 35 -8.60 -6.88 -12.60
CA GLN B 35 -8.59 -7.31 -14.00
C GLN B 35 -7.15 -7.55 -14.43
N TRP B 36 -6.97 -8.56 -15.27
CA TRP B 36 -5.66 -9.02 -15.75
C TRP B 36 -5.65 -8.88 -17.25
N VAL B 37 -4.66 -8.12 -17.76
CA VAL B 37 -4.49 -7.90 -19.18
C VAL B 37 -3.04 -8.15 -19.54
N ARG B 38 -2.77 -8.23 -20.85
CA ARG B 38 -1.42 -8.44 -21.34
C ARG B 38 -1.20 -7.61 -22.59
N GLN B 39 0.06 -7.28 -22.85
CA GLN B 39 0.46 -6.49 -24.01
C GLN B 39 1.80 -6.99 -24.52
N ALA B 40 1.86 -7.31 -25.80
CA ALA B 40 3.13 -7.69 -26.42
C ALA B 40 3.88 -6.44 -26.86
N ARG B 41 5.21 -6.54 -26.90
CA ARG B 41 6.05 -5.40 -27.23
C ARG B 41 5.80 -4.92 -28.65
N GLY B 42 5.14 -3.76 -28.78
CA GLY B 42 4.83 -3.19 -30.07
C GLY B 42 3.39 -3.37 -30.51
N GLN B 43 2.59 -4.11 -29.75
CA GLN B 43 1.20 -4.40 -30.09
C GLN B 43 0.27 -3.78 -29.05
N ARG B 44 -1.03 -3.90 -29.31
CA ARG B 44 -2.07 -3.35 -28.46
C ARG B 44 -2.19 -4.16 -27.16
N LEU B 45 -3.11 -3.74 -26.30
CA LEU B 45 -3.43 -4.46 -25.08
C LEU B 45 -4.49 -5.52 -25.36
N GLU B 46 -4.39 -6.63 -24.63
CA GLU B 46 -5.36 -7.71 -24.72
C GLU B 46 -5.84 -8.08 -23.33
N TRP B 47 -7.14 -8.36 -23.20
CA TRP B 47 -7.78 -8.60 -21.91
C TRP B 47 -7.80 -10.10 -21.63
N ILE B 48 -7.09 -10.52 -20.59
CA ILE B 48 -7.09 -11.92 -20.19
C ILE B 48 -8.36 -12.24 -19.41
N GLY B 49 -8.59 -11.53 -18.30
CA GLY B 49 -9.77 -11.81 -17.50
C GLY B 49 -9.82 -11.13 -16.15
N TRP B 50 -11.00 -11.05 -15.55
CA TRP B 50 -11.16 -10.29 -14.32
C TRP B 50 -11.80 -11.16 -13.24
N ILE B 51 -11.41 -10.92 -12.00
CA ILE B 51 -11.91 -11.68 -10.86
C ILE B 51 -12.37 -10.72 -9.78
N VAL B 52 -13.35 -11.15 -9.00
CA VAL B 52 -13.85 -10.40 -7.85
C VAL B 52 -13.27 -11.05 -6.60
N VAL B 53 -12.42 -10.31 -5.89
CA VAL B 53 -11.75 -10.90 -4.73
C VAL B 53 -12.74 -11.19 -3.61
N GLY B 54 -13.77 -10.35 -3.46
CA GLY B 54 -14.74 -10.58 -2.41
C GLY B 54 -15.61 -11.80 -2.67
N SER B 55 -16.08 -11.95 -3.91
CA SER B 55 -16.95 -13.07 -4.26
C SER B 55 -16.18 -14.32 -4.67
N GLY B 56 -15.01 -14.15 -5.29
CA GLY B 56 -14.28 -15.27 -5.84
C GLY B 56 -14.69 -15.65 -7.25
N ASN B 57 -15.65 -14.94 -7.84
CA ASN B 57 -16.10 -15.25 -9.19
C ASN B 57 -15.09 -14.73 -10.20
N ALA B 58 -14.65 -15.60 -11.11
CA ALA B 58 -13.66 -15.27 -12.11
C ALA B 58 -14.28 -15.41 -13.50
N ASN B 59 -14.06 -14.41 -14.35
CA ASN B 59 -14.51 -14.42 -15.73
C ASN B 59 -13.29 -14.29 -16.63
N TYR B 60 -13.19 -15.17 -17.62
CA TYR B 60 -12.05 -15.22 -18.51
C TYR B 60 -12.47 -14.87 -19.93
N ALA B 61 -11.49 -14.42 -20.71
CA ALA B 61 -11.74 -14.16 -22.12
C ALA B 61 -11.95 -15.47 -22.86
N PRO B 62 -12.78 -15.47 -23.91
CA PRO B 62 -13.00 -16.72 -24.67
C PRO B 62 -11.72 -17.31 -25.23
N ARG B 63 -10.74 -16.48 -25.58
CA ARG B 63 -9.52 -16.99 -26.18
C ARG B 63 -8.71 -17.83 -25.18
N PHE B 64 -8.63 -17.39 -23.93
CA PHE B 64 -7.75 -18.01 -22.95
C PHE B 64 -8.52 -18.60 -21.77
N GLN B 65 -9.80 -18.89 -21.94
CA GLN B 65 -10.62 -19.38 -20.82
C GLN B 65 -10.12 -20.73 -20.31
N GLU B 66 -9.60 -21.58 -21.20
CA GLU B 66 -9.19 -22.92 -20.80
C GLU B 66 -7.80 -22.92 -20.16
N ARG B 67 -6.91 -22.04 -20.59
CA ARG B 67 -5.51 -22.08 -20.17
C ARG B 67 -5.19 -21.15 -19.00
N VAL B 68 -6.10 -20.27 -18.60
CA VAL B 68 -5.85 -19.38 -17.47
C VAL B 68 -6.66 -19.88 -16.27
N THR B 69 -6.09 -19.66 -15.10
CA THR B 69 -6.80 -19.85 -13.83
C THR B 69 -6.53 -18.63 -12.97
N ILE B 70 -7.57 -17.84 -12.70
CA ILE B 70 -7.45 -16.64 -11.90
C ILE B 70 -8.04 -16.92 -10.53
N THR B 71 -7.20 -16.87 -9.50
CA THR B 71 -7.60 -17.12 -8.12
C THR B 71 -7.24 -15.91 -7.27
N ARG B 72 -7.58 -15.97 -5.98
CA ARG B 72 -7.24 -14.88 -5.08
C ARG B 72 -7.06 -15.43 -3.67
N ASP B 73 -6.10 -14.85 -2.95
CA ASP B 73 -5.88 -15.13 -1.53
C ASP B 73 -6.19 -13.84 -0.78
N MET B 74 -7.26 -13.87 0.03
CA MET B 74 -7.72 -12.67 0.73
C MET B 74 -6.93 -12.40 2.00
N SER B 75 -6.27 -13.40 2.57
CA SER B 75 -5.52 -13.20 3.81
C SER B 75 -4.29 -12.33 3.56
N THR B 76 -3.63 -12.50 2.42
CA THR B 76 -2.45 -11.72 2.07
C THR B 76 -2.76 -10.60 1.09
N ASN B 77 -4.03 -10.40 0.73
CA ASN B 77 -4.46 -9.41 -0.25
C ASN B 77 -3.70 -9.57 -1.57
N THR B 78 -3.90 -10.73 -2.20
CA THR B 78 -3.15 -11.03 -3.41
C THR B 78 -4.09 -11.65 -4.43
N ALA B 79 -3.89 -11.32 -5.70
CA ALA B 79 -4.62 -11.94 -6.80
C ALA B 79 -3.63 -12.70 -7.67
N TYR B 80 -3.94 -13.96 -7.98
CA TYR B 80 -3.05 -14.83 -8.72
C TYR B 80 -3.65 -15.15 -10.09
N MET B 81 -2.77 -15.23 -11.10
CA MET B 81 -3.14 -15.67 -12.44
C MET B 81 -2.14 -16.72 -12.88
N GLU B 82 -2.62 -17.91 -13.26
CA GLU B 82 -1.76 -18.99 -13.71
C GLU B 82 -2.04 -19.29 -15.17
N LEU B 83 -0.98 -19.36 -15.96
CA LEU B 83 -1.03 -19.71 -17.37
C LEU B 83 -0.42 -21.09 -17.56
N SER B 84 -1.19 -22.00 -18.17
CA SER B 84 -0.73 -23.35 -18.46
C SER B 84 -0.44 -23.48 -19.95
N SER B 85 0.50 -24.37 -20.28
CA SER B 85 0.93 -24.61 -21.66
C SER B 85 1.41 -23.31 -22.31
N LEU B 86 2.58 -22.87 -21.86
CA LEU B 86 3.15 -21.62 -22.34
C LEU B 86 3.67 -21.79 -23.76
N ARG B 87 3.11 -21.01 -24.69
CA ARG B 87 3.46 -21.05 -26.09
C ARG B 87 4.34 -19.84 -26.42
N SER B 88 5.20 -20.00 -27.43
CA SER B 88 6.29 -19.04 -27.64
C SER B 88 5.77 -17.63 -27.89
N GLU B 89 4.61 -17.48 -28.54
CA GLU B 89 4.06 -16.15 -28.78
C GLU B 89 3.42 -15.54 -27.54
N ASP B 90 3.30 -16.29 -26.46
CA ASP B 90 2.69 -15.76 -25.23
C ASP B 90 3.61 -14.80 -24.49
N THR B 91 4.85 -14.62 -24.95
CA THR B 91 5.75 -13.67 -24.32
C THR B 91 5.20 -12.25 -24.42
N ALA B 92 5.02 -11.61 -23.27
CA ALA B 92 4.38 -10.29 -23.22
C ALA B 92 4.51 -9.74 -21.80
N VAL B 93 4.17 -8.47 -21.66
CA VAL B 93 4.15 -7.79 -20.37
C VAL B 93 2.72 -7.84 -19.84
N TYR B 94 2.55 -8.37 -18.64
CA TYR B 94 1.25 -8.59 -18.03
C TYR B 94 0.99 -7.51 -16.98
N TYR B 95 -0.23 -7.00 -16.97
CA TYR B 95 -0.66 -5.95 -16.05
C TYR B 95 -1.90 -6.40 -15.29
N CYS B 96 -2.03 -5.87 -14.07
CA CYS B 96 -3.20 -6.08 -13.23
C CYS B 96 -3.68 -4.73 -12.72
N ALA B 97 -4.98 -4.48 -12.86
CA ALA B 97 -5.56 -3.19 -12.52
C ALA B 97 -6.76 -3.39 -11.58
N ALA B 98 -7.04 -2.35 -10.80
CA ALA B 98 -8.13 -2.40 -9.83
C ALA B 98 -8.55 -0.98 -9.46
N PRO B 99 -9.84 -0.71 -9.29
CA PRO B 99 -10.26 0.63 -8.87
C PRO B 99 -9.97 0.87 -7.40
N ASN B 100 -9.77 2.14 -7.05
CA ASN B 100 -9.54 2.55 -5.67
C ASN B 100 -10.85 2.42 -4.90
N CYS B 101 -11.00 1.33 -4.17
CA CYS B 101 -12.25 1.01 -3.47
C CYS B 101 -12.05 1.20 -1.97
N SER B 102 -12.89 2.03 -1.37
CA SER B 102 -12.97 2.14 0.08
C SER B 102 -13.97 1.09 0.58
N ARG B 103 -14.28 1.12 1.87
CA ARG B 103 -15.21 0.14 2.43
C ARG B 103 -16.65 0.41 1.98
N THR B 104 -17.03 1.67 1.83
CA THR B 104 -18.41 2.03 1.52
C THR B 104 -18.67 2.05 0.01
N LEU B 105 -17.95 2.89 -0.72
CA LEU B 105 -18.16 3.05 -2.15
C LEU B 105 -16.90 2.67 -2.92
N CYS B 106 -17.06 2.42 -4.22
CA CYS B 106 -15.98 2.05 -5.11
C CYS B 106 -15.80 3.11 -6.20
N TYR B 107 -14.54 3.31 -6.58
CA TYR B 107 -14.24 4.22 -7.69
C TYR B 107 -14.73 3.61 -9.00
N ASP B 108 -15.38 4.44 -9.81
CA ASP B 108 -16.08 3.94 -11.00
C ASP B 108 -15.13 3.52 -12.12
N GLY B 109 -13.84 3.80 -12.00
CA GLY B 109 -12.89 3.43 -13.03
C GLY B 109 -11.66 2.77 -12.44
N PHE B 110 -10.99 1.98 -13.28
CA PHE B 110 -9.77 1.28 -12.89
C PHE B 110 -8.68 2.31 -12.60
N ASN B 111 -8.70 2.82 -11.37
CA ASN B 111 -7.79 3.88 -10.98
C ASN B 111 -6.35 3.37 -10.90
N MET B 112 -6.12 2.34 -10.11
CA MET B 112 -4.78 1.83 -9.84
C MET B 112 -4.37 0.79 -10.87
N TRP B 113 -3.06 0.61 -11.01
CA TRP B 113 -2.50 -0.29 -12.01
C TRP B 113 -1.23 -0.94 -11.47
N GLY B 114 -0.96 -2.14 -11.96
CA GLY B 114 0.29 -2.80 -11.63
C GLY B 114 1.46 -2.27 -12.45
N GLN B 115 2.67 -2.58 -11.98
CA GLN B 115 3.86 -2.05 -12.63
C GLN B 115 4.12 -2.70 -13.99
N GLY B 116 3.56 -3.88 -14.25
CA GLY B 116 3.83 -4.57 -15.49
C GLY B 116 4.99 -5.54 -15.36
N THR B 117 4.72 -6.84 -15.51
CA THR B 117 5.75 -7.86 -15.38
C THR B 117 5.91 -8.60 -16.70
N MET B 118 7.15 -8.66 -17.20
CA MET B 118 7.39 -9.29 -18.48
C MET B 118 7.50 -10.81 -18.32
N VAL B 119 7.07 -11.53 -19.35
CA VAL B 119 7.15 -12.99 -19.37
C VAL B 119 7.69 -13.42 -20.73
N THR B 120 8.80 -14.14 -20.74
CA THR B 120 9.43 -14.64 -21.94
C THR B 120 9.34 -16.16 -21.98
N VAL B 121 9.03 -16.70 -23.16
CA VAL B 121 8.90 -18.14 -23.33
C VAL B 121 10.03 -18.67 -24.20
N ALA B 124 14.78 -21.60 -24.56
CA ALA B 124 16.15 -21.12 -24.41
C ALA B 124 16.54 -21.05 -22.93
N SER B 125 17.82 -20.80 -22.67
CA SER B 125 18.36 -20.74 -21.32
C SER B 125 18.66 -19.29 -20.94
N THR B 126 18.93 -19.09 -19.66
CA THR B 126 19.20 -17.76 -19.11
C THR B 126 20.69 -17.49 -19.08
N LYS B 127 21.08 -16.29 -19.52
CA LYS B 127 22.46 -15.87 -19.51
C LYS B 127 22.57 -14.44 -18.98
N GLY B 128 23.58 -14.20 -18.15
CA GLY B 128 23.85 -12.87 -17.64
C GLY B 128 24.65 -12.05 -18.63
N PRO B 129 24.40 -10.75 -18.66
CA PRO B 129 25.07 -9.89 -19.63
C PRO B 129 26.49 -9.52 -19.21
N SER B 130 27.19 -8.86 -20.13
CA SER B 130 28.48 -8.25 -19.87
C SER B 130 28.35 -6.76 -20.09
N VAL B 131 28.84 -5.96 -19.14
CA VAL B 131 28.74 -4.51 -19.18
C VAL B 131 30.11 -3.95 -19.54
N PHE B 132 30.19 -3.29 -20.70
CA PHE B 132 31.43 -2.68 -21.14
C PHE B 132 31.29 -1.17 -21.17
N PRO B 133 32.36 -0.43 -20.82
CA PRO B 133 32.26 1.03 -20.82
C PRO B 133 32.34 1.61 -22.24
N LEU B 134 31.62 2.71 -22.43
CA LEU B 134 31.66 3.52 -23.64
C LEU B 134 32.22 4.85 -23.19
N ALA B 135 33.53 5.01 -23.30
CA ALA B 135 34.27 6.09 -22.68
C ALA B 135 34.13 7.39 -23.47
N PRO B 136 34.09 8.53 -22.78
CA PRO B 136 34.08 9.82 -23.48
C PRO B 136 35.47 10.23 -23.93
N SER B 137 35.52 10.90 -25.07
CA SER B 137 36.79 11.33 -25.65
C SER B 137 36.89 12.86 -25.72
N GLY B 143 34.47 23.17 -22.26
CA GLY B 143 33.17 23.46 -21.72
C GLY B 143 32.02 23.02 -22.62
N GLY B 144 32.33 22.12 -23.55
CA GLY B 144 31.34 21.62 -24.48
C GLY B 144 30.47 20.53 -23.90
N THR B 145 30.15 19.53 -24.71
CA THR B 145 29.29 18.42 -24.30
C THR B 145 29.97 17.11 -24.69
N ALA B 146 30.18 16.24 -23.71
CA ALA B 146 30.71 14.91 -23.94
C ALA B 146 29.60 13.88 -23.75
N ALA B 147 29.82 12.70 -24.32
CA ALA B 147 28.86 11.61 -24.23
C ALA B 147 29.58 10.35 -23.76
N LEU B 148 29.00 9.67 -22.77
CA LEU B 148 29.54 8.41 -22.29
C LEU B 148 28.39 7.43 -22.11
N GLY B 149 28.71 6.18 -21.80
CA GLY B 149 27.65 5.20 -21.65
C GLY B 149 28.16 3.82 -21.30
N CYS B 150 27.24 2.87 -21.37
CA CYS B 150 27.51 1.48 -21.05
C CYS B 150 26.82 0.58 -22.06
N LEU B 151 27.57 -0.40 -22.58
CA LEU B 151 27.06 -1.40 -23.50
C LEU B 151 26.76 -2.67 -22.72
N VAL B 152 25.48 -3.03 -22.63
CA VAL B 152 25.04 -4.25 -21.96
C VAL B 152 24.81 -5.28 -23.05
N LYS B 153 25.73 -6.24 -23.17
CA LYS B 153 25.76 -7.16 -24.30
C LYS B 153 25.53 -8.59 -23.84
N ASP B 154 24.93 -9.39 -24.73
CA ASP B 154 24.91 -10.85 -24.60
C ASP B 154 24.17 -11.30 -23.34
N TYR B 155 22.86 -11.02 -23.32
CA TYR B 155 22.00 -11.49 -22.25
C TYR B 155 20.71 -12.03 -22.84
N PHE B 156 20.25 -13.16 -22.29
CA PHE B 156 18.90 -13.64 -22.57
C PHE B 156 18.18 -13.85 -21.24
N PRO B 157 16.97 -13.31 -21.10
CA PRO B 157 16.32 -12.44 -22.07
C PRO B 157 16.25 -11.01 -21.57
N GLU B 158 15.32 -10.23 -22.10
CA GLU B 158 15.00 -8.94 -21.56
C GLU B 158 14.37 -9.11 -20.18
N PRO B 159 14.26 -8.03 -19.39
CA PRO B 159 14.82 -6.69 -19.58
C PRO B 159 15.98 -6.41 -18.64
N VAL B 160 16.92 -5.56 -19.06
CA VAL B 160 17.93 -5.03 -18.17
C VAL B 160 17.55 -3.60 -17.82
N THR B 161 17.75 -3.23 -16.55
CA THR B 161 17.44 -1.89 -16.08
C THR B 161 18.74 -1.18 -15.77
N VAL B 162 18.95 -0.02 -16.38
CA VAL B 162 20.19 0.73 -16.25
C VAL B 162 19.86 2.10 -15.66
N SER B 163 20.46 2.38 -14.51
CA SER B 163 20.44 3.72 -13.91
C SER B 163 21.84 4.30 -13.94
N TRP B 164 21.94 5.58 -13.60
CA TRP B 164 23.23 6.27 -13.59
C TRP B 164 23.43 6.91 -12.23
N ASN B 165 24.56 6.59 -11.59
CA ASN B 165 24.89 7.06 -10.24
C ASN B 165 23.80 6.69 -9.25
N SER B 166 23.27 5.48 -9.39
CA SER B 166 22.21 4.95 -8.53
C SER B 166 20.96 5.82 -8.56
N GLY B 167 20.68 6.44 -9.72
CA GLY B 167 19.50 7.24 -9.91
C GLY B 167 19.72 8.73 -9.76
N ALA B 168 20.86 9.17 -9.24
CA ALA B 168 21.13 10.59 -9.07
C ALA B 168 21.34 11.32 -10.39
N LEU B 169 21.50 10.59 -11.50
CA LEU B 169 21.71 11.18 -12.82
C LEU B 169 20.62 10.65 -13.75
N THR B 170 19.70 11.53 -14.14
CA THR B 170 18.58 11.14 -14.99
C THR B 170 18.46 12.01 -16.23
N SER B 171 18.77 13.30 -16.15
CA SER B 171 18.61 14.20 -17.28
C SER B 171 19.66 13.89 -18.35
N GLY B 172 19.20 13.72 -19.59
CA GLY B 172 20.10 13.44 -20.68
C GLY B 172 20.48 11.98 -20.84
N VAL B 173 19.71 11.06 -20.25
CA VAL B 173 20.00 9.64 -20.31
C VAL B 173 19.08 9.00 -21.33
N HIS B 174 19.66 8.26 -22.28
CA HIS B 174 18.91 7.48 -23.26
C HIS B 174 19.27 6.01 -23.08
N THR B 175 18.30 5.21 -22.67
CA THR B 175 18.44 3.75 -22.61
C THR B 175 17.74 3.19 -23.85
N PHE B 176 18.54 2.77 -24.83
CA PHE B 176 17.99 2.34 -26.10
C PHE B 176 17.27 1.00 -25.95
N PRO B 177 16.21 0.78 -26.72
CA PRO B 177 15.57 -0.53 -26.73
C PRO B 177 16.56 -1.62 -27.11
N ALA B 178 16.41 -2.78 -26.47
CA ALA B 178 17.34 -3.88 -26.70
C ALA B 178 17.22 -4.41 -28.12
N VAL B 179 18.35 -4.79 -28.69
CA VAL B 179 18.38 -5.43 -30.00
C VAL B 179 18.68 -6.91 -29.81
N LEU B 180 18.12 -7.73 -30.70
CA LEU B 180 18.30 -9.17 -30.66
C LEU B 180 19.33 -9.55 -31.70
N GLN B 181 20.50 -10.01 -31.24
CA GLN B 181 21.60 -10.33 -32.14
C GLN B 181 21.34 -11.65 -32.86
N SER B 182 22.23 -11.96 -33.82
CA SER B 182 22.11 -13.22 -34.56
C SER B 182 22.32 -14.43 -33.67
N SER B 183 23.00 -14.27 -32.53
CA SER B 183 23.21 -15.38 -31.61
C SER B 183 21.96 -15.70 -30.80
N GLY B 184 20.91 -14.89 -30.89
CA GLY B 184 19.74 -15.07 -30.06
C GLY B 184 19.80 -14.37 -28.72
N LEU B 185 20.89 -13.66 -28.43
CA LEU B 185 21.05 -12.93 -27.18
C LEU B 185 20.78 -11.45 -27.42
N TYR B 186 20.36 -10.76 -26.35
CA TYR B 186 20.01 -9.35 -26.45
C TYR B 186 21.20 -8.47 -26.07
N SER B 187 21.15 -7.23 -26.56
CA SER B 187 22.17 -6.25 -26.25
C SER B 187 21.59 -4.86 -26.46
N LEU B 188 21.88 -3.96 -25.52
CA LEU B 188 21.45 -2.58 -25.63
C LEU B 188 22.58 -1.69 -25.12
N SER B 189 22.34 -0.38 -25.17
CA SER B 189 23.29 0.59 -24.66
C SER B 189 22.53 1.69 -23.93
N SER B 190 23.11 2.17 -22.83
CA SER B 190 22.56 3.28 -22.07
C SER B 190 23.59 4.39 -22.03
N VAL B 191 23.26 5.53 -22.61
CA VAL B 191 24.21 6.62 -22.75
C VAL B 191 23.68 7.85 -22.03
N VAL B 192 24.60 8.78 -21.75
CA VAL B 192 24.27 10.06 -21.12
C VAL B 192 25.24 11.11 -21.64
N THR B 193 24.72 12.31 -21.89
CA THR B 193 25.50 13.45 -22.31
C THR B 193 25.69 14.39 -21.12
N VAL B 194 26.94 14.70 -20.81
CA VAL B 194 27.29 15.54 -19.67
C VAL B 194 28.13 16.71 -20.16
N PRO B 195 28.33 17.75 -19.36
CA PRO B 195 29.31 18.78 -19.72
C PRO B 195 30.72 18.21 -19.68
N SER B 196 31.54 18.60 -20.66
CA SER B 196 32.91 18.09 -20.74
C SER B 196 33.77 18.57 -19.58
N SER B 197 33.35 19.61 -18.86
CA SER B 197 34.12 20.15 -17.75
C SER B 197 33.98 19.33 -16.47
N SER B 198 33.17 18.27 -16.48
CA SER B 198 32.95 17.46 -15.30
C SER B 198 33.52 16.05 -15.42
N LEU B 199 34.18 15.73 -16.53
CA LEU B 199 34.70 14.37 -16.72
C LEU B 199 35.81 14.04 -15.73
N GLY B 200 36.54 15.04 -15.26
CA GLY B 200 37.59 14.81 -14.29
C GLY B 200 37.25 15.32 -12.91
N THR B 201 35.95 15.44 -12.64
CA THR B 201 35.49 15.87 -11.32
C THR B 201 34.37 14.94 -10.84
N GLN B 202 33.38 14.71 -11.71
CA GLN B 202 32.23 13.88 -11.37
C GLN B 202 32.47 12.44 -11.82
N THR B 203 32.17 11.50 -10.93
CA THR B 203 32.26 10.09 -11.25
C THR B 203 30.94 9.61 -11.86
N TYR B 204 31.04 8.81 -12.92
CA TYR B 204 29.87 8.31 -13.64
C TYR B 204 29.88 6.79 -13.57
N ILE B 205 28.85 6.22 -12.95
CA ILE B 205 28.71 4.79 -12.79
C ILE B 205 27.34 4.35 -13.30
N CYS B 206 27.34 3.38 -14.21
CA CYS B 206 26.10 2.80 -14.69
C CYS B 206 25.77 1.56 -13.86
N ASN B 207 24.54 1.52 -13.36
CA ASN B 207 24.05 0.42 -12.54
C ASN B 207 23.11 -0.41 -13.40
N VAL B 208 23.55 -1.63 -13.75
CA VAL B 208 22.82 -2.53 -14.62
C VAL B 208 22.28 -3.67 -13.78
N ASN B 209 21.00 -3.99 -13.98
CA ASN B 209 20.33 -5.07 -13.26
C ASN B 209 19.63 -5.97 -14.27
N HIS B 210 20.00 -7.25 -14.27
CA HIS B 210 19.32 -8.30 -15.01
C HIS B 210 18.83 -9.32 -13.99
N LYS B 211 17.58 -9.17 -13.58
CA LYS B 211 16.97 -9.99 -12.53
C LYS B 211 16.78 -11.46 -12.92
N PRO B 212 16.48 -11.80 -14.18
CA PRO B 212 16.42 -13.22 -14.53
C PRO B 212 17.69 -13.99 -14.22
N SER B 213 18.86 -13.36 -14.31
CA SER B 213 20.12 -14.01 -14.00
C SER B 213 20.75 -13.52 -12.70
N ASN B 214 20.02 -12.71 -11.92
CA ASN B 214 20.49 -12.20 -10.63
C ASN B 214 21.80 -11.43 -10.80
N THR B 215 21.94 -10.71 -11.90
CA THR B 215 23.15 -9.98 -12.23
C THR B 215 22.99 -8.51 -11.84
N LYS B 216 23.80 -8.05 -10.90
CA LYS B 216 23.83 -6.66 -10.48
C LYS B 216 25.24 -6.14 -10.66
N VAL B 217 25.41 -5.15 -11.55
CA VAL B 217 26.73 -4.64 -11.91
C VAL B 217 26.72 -3.13 -11.76
N ASP B 218 27.82 -2.58 -11.25
CA ASP B 218 28.05 -1.13 -11.19
C ASP B 218 29.37 -0.85 -11.90
N LYS B 219 29.30 -0.39 -13.14
CA LYS B 219 30.48 -0.15 -13.96
C LYS B 219 30.82 1.33 -13.97
N LYS B 220 32.08 1.65 -13.66
CA LYS B 220 32.56 3.02 -13.64
C LYS B 220 33.09 3.39 -15.02
N VAL B 221 32.63 4.51 -15.55
CA VAL B 221 32.98 4.96 -16.90
C VAL B 221 33.89 6.17 -16.76
N GLU B 222 35.14 6.03 -17.19
CA GLU B 222 36.14 7.07 -17.16
C GLU B 222 36.60 7.39 -18.58
N PRO B 223 37.14 8.59 -18.80
CA PRO B 223 37.87 8.83 -20.05
C PRO B 223 39.12 7.96 -20.13
N LYS B 224 39.36 7.42 -21.32
CA LYS B 224 40.47 6.49 -21.49
C LYS B 224 41.80 7.20 -21.36
N SER B 225 42.75 6.54 -20.71
CA SER B 225 44.08 7.10 -20.50
C SER B 225 45.17 6.14 -20.96
N GLU C 1 -18.02 -11.24 -28.30
CA GLU C 1 -16.97 -10.23 -28.42
C GLU C 1 -17.51 -8.96 -29.06
N ILE C 2 -17.13 -7.80 -28.51
CA ILE C 2 -17.54 -6.50 -29.01
C ILE C 2 -16.30 -5.86 -29.64
N VAL C 3 -16.31 -5.74 -30.97
CA VAL C 3 -15.14 -5.21 -31.68
C VAL C 3 -15.05 -3.71 -31.48
N LEU C 4 -13.85 -3.23 -31.16
CA LEU C 4 -13.59 -1.80 -30.98
C LEU C 4 -12.81 -1.29 -32.19
N THR C 5 -13.46 -0.48 -33.01
CA THR C 5 -12.80 0.15 -34.14
C THR C 5 -12.11 1.43 -33.68
N GLN C 6 -10.83 1.55 -34.02
CA GLN C 6 -10.03 2.71 -33.66
C GLN C 6 -9.61 3.44 -34.94
N SER C 7 -9.93 4.74 -34.99
CA SER C 7 -9.60 5.56 -36.14
C SER C 7 -9.11 6.91 -35.62
N PRO C 8 -8.00 7.44 -36.16
CA PRO C 8 -7.16 6.84 -37.21
C PRO C 8 -6.12 5.88 -36.62
N GLY C 9 -5.47 5.07 -37.47
CA GLY C 9 -4.40 4.22 -36.97
C GLY C 9 -3.20 5.03 -36.52
N SER C 10 -2.90 6.11 -37.24
CA SER C 10 -1.82 7.03 -36.87
C SER C 10 -2.34 8.46 -36.97
N LEU C 11 -1.76 9.35 -36.17
CA LEU C 11 -2.19 10.73 -36.12
C LEU C 11 -0.97 11.60 -35.87
N SER C 12 -0.52 12.30 -36.91
CA SER C 12 0.62 13.21 -36.83
C SER C 12 0.10 14.64 -36.78
N LEU C 13 0.34 15.32 -35.66
CA LEU C 13 -0.21 16.65 -35.44
C LEU C 13 0.74 17.45 -34.56
N SER C 14 0.85 18.75 -34.86
CA SER C 14 1.69 19.62 -34.06
C SER C 14 1.01 19.94 -32.73
N PRO C 15 1.79 20.17 -31.66
CA PRO C 15 1.17 20.48 -30.36
C PRO C 15 0.51 21.85 -30.39
N GLY C 16 -0.64 21.94 -29.73
CA GLY C 16 -1.33 23.21 -29.59
C GLY C 16 -2.78 23.22 -30.05
N GLU C 17 -3.07 22.53 -31.15
CA GLU C 17 -4.40 22.55 -31.73
C GLU C 17 -5.26 21.41 -31.17
N ARG C 18 -6.53 21.43 -31.55
CA ARG C 18 -7.50 20.47 -31.01
C ARG C 18 -7.19 19.06 -31.51
N ALA C 19 -7.39 18.07 -30.63
CA ALA C 19 -7.18 16.67 -31.00
C ALA C 19 -8.45 15.88 -30.73
N THR C 20 -8.90 15.13 -31.74
CA THR C 20 -10.11 14.32 -31.64
C THR C 20 -9.76 12.87 -31.91
N LEU C 21 -10.16 11.98 -31.01
CA LEU C 21 -9.93 10.55 -31.12
C LEU C 21 -11.26 9.83 -31.03
N SER C 22 -11.49 8.89 -31.95
CA SER C 22 -12.77 8.20 -32.06
C SER C 22 -12.61 6.73 -31.65
N CYS C 23 -13.56 6.25 -30.85
CA CYS C 23 -13.69 4.85 -30.50
C CYS C 23 -15.08 4.41 -30.94
N ARG C 24 -15.14 3.46 -31.87
CA ARG C 24 -16.40 2.97 -32.44
C ARG C 24 -16.68 1.59 -31.87
N ALA C 25 -17.91 1.37 -31.44
CA ALA C 25 -18.33 0.09 -30.89
C ALA C 25 -19.03 -0.73 -31.97
N SER C 26 -18.79 -2.05 -31.95
CA SER C 26 -19.47 -2.93 -32.90
C SER C 26 -20.97 -2.89 -32.69
N GLN C 27 -21.42 -2.78 -31.45
CA GLN C 27 -22.82 -2.60 -31.12
C GLN C 27 -22.91 -1.65 -29.94
N SER C 28 -24.14 -1.21 -29.65
CA SER C 28 -24.34 -0.15 -28.65
C SER C 28 -23.80 -0.55 -27.28
N VAL C 29 -23.08 0.36 -26.65
CA VAL C 29 -22.52 0.17 -25.33
C VAL C 29 -23.08 1.24 -24.40
N ARG C 30 -23.63 0.81 -23.27
CA ARG C 30 -24.11 1.76 -22.27
C ARG C 30 -22.96 2.67 -21.84
N SER C 31 -23.12 3.97 -22.06
CA SER C 31 -22.03 4.94 -22.04
C SER C 31 -21.34 5.08 -20.68
N SER C 32 -21.69 4.21 -19.73
CA SER C 32 -21.18 4.29 -18.37
C SER C 32 -19.96 3.38 -18.15
N TYR C 33 -20.09 2.09 -18.46
CA TYR C 33 -18.98 1.15 -18.38
C TYR C 33 -18.04 1.38 -19.58
N LEU C 34 -17.24 2.43 -19.49
CA LEU C 34 -16.27 2.72 -20.54
C LEU C 34 -15.18 3.62 -19.97
N GLY C 35 -13.93 3.32 -20.32
CA GLY C 35 -12.81 4.08 -19.82
C GLY C 35 -11.77 4.31 -20.90
N TRP C 36 -11.04 5.42 -20.75
CA TRP C 36 -9.94 5.76 -21.65
C TRP C 36 -8.62 5.70 -20.88
N TYR C 37 -7.62 5.07 -21.49
CA TYR C 37 -6.30 4.88 -20.89
C TYR C 37 -5.22 5.45 -21.80
N GLN C 38 -4.23 6.08 -21.17
CA GLN C 38 -3.02 6.54 -21.85
C GLN C 38 -1.86 5.64 -21.46
N GLN C 39 -1.27 4.97 -22.43
CA GLN C 39 -0.05 4.20 -22.24
C GLN C 39 1.10 5.00 -22.84
N LYS C 40 2.00 5.45 -21.98
CA LYS C 40 3.26 6.04 -22.42
C LYS C 40 4.23 4.93 -22.80
N PRO C 41 5.12 5.19 -23.77
CA PRO C 41 6.04 4.13 -24.22
C PRO C 41 6.88 3.57 -23.08
N GLY C 42 6.82 2.26 -22.91
CA GLY C 42 7.51 1.60 -21.82
C GLY C 42 6.95 1.93 -20.45
N GLN C 43 5.63 2.05 -20.33
CA GLN C 43 5.00 2.44 -19.08
C GLN C 43 3.65 1.75 -18.96
N ALA C 44 3.17 1.65 -17.72
CA ALA C 44 1.85 1.08 -17.49
C ALA C 44 0.77 2.11 -17.84
N PRO C 45 -0.37 1.66 -18.36
CA PRO C 45 -1.43 2.60 -18.71
C PRO C 45 -1.99 3.30 -17.47
N ARG C 46 -2.65 4.42 -17.71
CA ARG C 46 -3.21 5.24 -16.63
C ARG C 46 -4.56 5.78 -17.08
N LEU C 47 -5.56 5.70 -16.20
CA LEU C 47 -6.91 6.10 -16.54
C LEU C 47 -7.04 7.62 -16.62
N LEU C 48 -7.76 8.09 -17.64
CA LEU C 48 -8.06 9.50 -17.81
C LEU C 48 -9.52 9.81 -17.52
N ILE C 49 -10.45 9.17 -18.24
CA ILE C 49 -11.88 9.42 -18.08
C ILE C 49 -12.62 8.10 -17.99
N TYR C 50 -13.64 8.09 -17.14
CA TYR C 50 -14.59 6.99 -17.01
C TYR C 50 -15.99 7.53 -17.27
N GLY C 51 -16.91 6.62 -17.61
CA GLY C 51 -18.26 7.05 -17.93
C GLY C 51 -18.34 7.95 -19.14
N ALA C 52 -17.37 7.85 -20.05
CA ALA C 52 -17.34 8.56 -21.32
C ALA C 52 -17.13 10.08 -21.15
N SER C 53 -17.80 10.70 -20.18
CA SER C 53 -17.75 12.14 -20.01
C SER C 53 -17.23 12.59 -18.65
N SER C 54 -17.06 11.70 -17.69
CA SER C 54 -16.63 12.08 -16.34
C SER C 54 -15.10 12.00 -16.27
N ARG C 55 -14.47 13.13 -15.95
CA ARG C 55 -13.03 13.19 -15.81
C ARG C 55 -12.59 12.59 -14.48
N ALA C 56 -11.54 11.78 -14.51
CA ALA C 56 -11.04 11.14 -13.31
C ALA C 56 -10.15 12.10 -12.52
N THR C 57 -9.82 11.71 -11.30
CA THR C 57 -9.04 12.56 -10.42
C THR C 57 -7.59 12.64 -10.89
N GLY C 58 -7.05 13.86 -10.92
CA GLY C 58 -5.66 14.08 -11.27
C GLY C 58 -5.39 14.43 -12.72
N ILE C 59 -6.43 14.52 -13.55
CA ILE C 59 -6.30 14.84 -14.97
C ILE C 59 -6.66 16.30 -15.16
N PRO C 60 -5.85 17.08 -15.88
CA PRO C 60 -6.18 18.50 -16.10
C PRO C 60 -7.46 18.66 -16.90
N ASP C 61 -7.98 19.89 -16.88
CA ASP C 61 -9.25 20.19 -17.54
C ASP C 61 -9.18 20.13 -19.05
N ARG C 62 -7.96 20.11 -19.62
CA ARG C 62 -7.81 20.16 -21.07
C ARG C 62 -8.35 18.91 -21.77
N PHE C 63 -8.49 17.80 -21.04
CA PHE C 63 -9.01 16.58 -21.62
C PHE C 63 -10.52 16.48 -21.37
N SER C 64 -11.26 16.08 -22.41
CA SER C 64 -12.70 15.94 -22.30
C SER C 64 -13.16 14.73 -23.10
N GLY C 65 -14.34 14.26 -22.78
CA GLY C 65 -14.90 13.08 -23.44
C GLY C 65 -16.35 13.28 -23.83
N SER C 66 -16.69 12.83 -25.03
CA SER C 66 -18.05 12.84 -25.55
C SER C 66 -18.56 11.42 -25.61
N GLY C 67 -19.71 11.17 -24.99
CA GLY C 67 -20.28 9.84 -24.88
C GLY C 67 -21.59 9.73 -25.63
N SER C 68 -21.79 8.58 -26.28
CA SER C 68 -23.03 8.27 -26.97
C SER C 68 -23.34 6.80 -26.75
N GLU C 69 -24.16 6.21 -27.61
CA GLU C 69 -24.46 4.79 -27.49
C GLU C 69 -23.43 3.94 -28.21
N THR C 70 -23.07 4.33 -29.43
CA THR C 70 -22.08 3.61 -30.24
C THR C 70 -20.81 4.40 -30.51
N ASP C 71 -20.89 5.72 -30.58
CA ASP C 71 -19.74 6.58 -30.81
C ASP C 71 -19.19 7.07 -29.49
N PHE C 72 -17.85 7.10 -29.37
CA PHE C 72 -17.23 7.73 -28.22
C PHE C 72 -16.03 8.54 -28.68
N THR C 73 -15.83 9.70 -28.06
CA THR C 73 -14.83 10.64 -28.55
C THR C 73 -14.02 11.18 -27.38
N LEU C 74 -12.72 11.35 -27.60
CA LEU C 74 -11.84 12.01 -26.64
C LEU C 74 -11.23 13.23 -27.32
N THR C 75 -11.36 14.39 -26.68
CA THR C 75 -10.86 15.63 -27.22
C THR C 75 -9.83 16.23 -26.28
N ILE C 76 -8.66 16.54 -26.83
CA ILE C 76 -7.63 17.29 -26.13
C ILE C 76 -7.70 18.74 -26.61
N SER C 77 -7.90 19.66 -25.66
CA SER C 77 -7.99 21.08 -25.97
C SER C 77 -6.62 21.67 -26.28
N ARG C 78 -5.63 21.42 -25.42
CA ARG C 78 -4.28 21.92 -25.61
C ARG C 78 -3.32 20.74 -25.50
N LEU C 79 -2.62 20.45 -26.59
CA LEU C 79 -1.65 19.36 -26.60
C LEU C 79 -0.38 19.76 -25.87
N GLU C 80 0.08 18.90 -24.98
CA GLU C 80 1.28 19.12 -24.20
C GLU C 80 2.37 18.14 -24.61
N PRO C 81 3.64 18.48 -24.37
CA PRO C 81 4.73 17.57 -24.78
C PRO C 81 4.65 16.18 -24.18
N GLU C 82 4.20 16.06 -22.93
CA GLU C 82 4.10 14.76 -22.27
C GLU C 82 2.80 14.04 -22.57
N ASP C 83 1.91 14.63 -23.37
CA ASP C 83 0.64 14.00 -23.74
C ASP C 83 0.74 13.21 -25.03
N PHE C 84 1.95 12.91 -25.50
CA PHE C 84 2.15 12.14 -26.72
C PHE C 84 2.39 10.69 -26.34
N ALA C 85 1.35 9.88 -26.45
CA ALA C 85 1.39 8.47 -26.07
C ALA C 85 0.32 7.74 -26.85
N VAL C 86 0.05 6.49 -26.48
CA VAL C 86 -0.97 5.69 -27.15
C VAL C 86 -2.23 5.71 -26.31
N TYR C 87 -3.38 5.81 -26.96
CA TYR C 87 -4.66 5.92 -26.27
C TYR C 87 -5.53 4.72 -26.60
N TYR C 88 -6.02 4.05 -25.56
CA TYR C 88 -6.88 2.88 -25.71
C TYR C 88 -8.23 3.14 -25.04
N CYS C 89 -9.29 2.67 -25.69
CA CYS C 89 -10.63 2.70 -25.12
C CYS C 89 -11.02 1.29 -24.70
N GLN C 90 -11.74 1.18 -23.58
CA GLN C 90 -12.19 -0.12 -23.09
C GLN C 90 -13.63 -0.03 -22.64
N GLN C 91 -14.40 -1.07 -22.93
CA GLN C 91 -15.77 -1.20 -22.45
C GLN C 91 -15.80 -2.25 -21.35
N TYR C 92 -16.52 -1.95 -20.26
CA TYR C 92 -16.79 -2.91 -19.22
C TYR C 92 -18.19 -3.48 -19.35
N ASP C 93 -18.90 -3.14 -20.43
CA ASP C 93 -20.29 -3.52 -20.64
C ASP C 93 -20.45 -5.04 -20.66
N SER C 94 -20.08 -5.68 -21.77
CA SER C 94 -20.22 -7.12 -21.93
C SER C 94 -18.85 -7.76 -22.05
N SER C 95 -18.67 -8.88 -21.35
CA SER C 95 -17.44 -9.64 -21.48
C SER C 95 -17.42 -10.37 -22.82
N PRO C 96 -16.25 -10.48 -23.47
CA PRO C 96 -14.93 -9.98 -23.06
C PRO C 96 -14.80 -8.45 -23.19
N TRP C 97 -13.97 -7.85 -22.34
CA TRP C 97 -13.72 -6.40 -22.37
C TRP C 97 -12.62 -6.15 -23.39
N THR C 98 -13.00 -5.95 -24.64
CA THR C 98 -12.01 -5.74 -25.68
C THR C 98 -11.36 -4.36 -25.56
N PHE C 99 -10.21 -4.22 -26.19
CA PHE C 99 -9.46 -2.97 -26.22
C PHE C 99 -9.36 -2.45 -27.64
N GLY C 100 -9.34 -1.14 -27.78
CA GLY C 100 -9.12 -0.55 -29.08
C GLY C 100 -7.71 -0.78 -29.59
N GLN C 101 -7.53 -0.60 -30.89
CA GLN C 101 -6.21 -0.77 -31.49
C GLN C 101 -5.22 0.25 -30.96
N GLY C 102 -5.70 1.40 -30.50
CA GLY C 102 -4.82 2.44 -29.99
C GLY C 102 -4.37 3.40 -31.07
N THR C 103 -4.62 4.69 -30.85
CA THR C 103 -4.24 5.73 -31.79
C THR C 103 -2.97 6.40 -31.27
N LYS C 104 -1.85 6.16 -31.96
CA LYS C 104 -0.60 6.81 -31.60
C LYS C 104 -0.57 8.23 -32.14
N VAL C 105 -0.07 9.15 -31.31
CA VAL C 105 0.03 10.56 -31.67
C VAL C 105 1.49 10.98 -31.60
N GLU C 106 1.97 11.65 -32.64
CA GLU C 106 3.30 12.22 -32.69
C GLU C 106 3.18 13.61 -33.32
N ILE C 107 4.30 14.18 -33.75
CA ILE C 107 4.24 15.48 -34.40
C ILE C 107 4.76 15.35 -35.84
N ARG C 109 7.92 18.23 -34.85
CA ARG C 109 8.58 19.45 -34.42
C ARG C 109 9.51 19.96 -35.53
N THR C 110 10.30 20.97 -35.20
CA THR C 110 11.24 21.51 -36.18
C THR C 110 12.38 20.51 -36.42
N VAL C 111 13.03 20.67 -37.57
CA VAL C 111 14.13 19.78 -37.93
C VAL C 111 15.32 20.05 -37.02
N ALA C 112 15.79 19.01 -36.34
CA ALA C 112 16.93 19.10 -35.44
C ALA C 112 18.02 18.15 -35.91
N ALA C 113 19.25 18.66 -36.00
CA ALA C 113 20.36 17.83 -36.46
C ALA C 113 20.91 16.99 -35.31
N PRO C 114 21.31 15.76 -35.59
CA PRO C 114 21.84 14.90 -34.52
C PRO C 114 23.27 15.25 -34.15
N SER C 115 23.59 15.06 -32.88
CA SER C 115 24.97 15.13 -32.40
C SER C 115 25.55 13.72 -32.48
N VAL C 116 26.65 13.57 -33.20
CA VAL C 116 27.21 12.26 -33.51
C VAL C 116 28.43 12.01 -32.63
N PHE C 117 28.45 10.84 -31.99
CA PHE C 117 29.59 10.40 -31.20
C PHE C 117 29.97 8.99 -31.62
N ILE C 118 31.23 8.63 -31.40
CA ILE C 118 31.72 7.31 -31.76
C ILE C 118 32.52 6.75 -30.58
N PHE C 119 32.35 5.45 -30.34
CA PHE C 119 32.95 4.78 -29.18
C PHE C 119 33.66 3.53 -29.66
N PRO C 120 34.98 3.44 -29.47
CA PRO C 120 35.70 2.21 -29.82
C PRO C 120 35.38 1.10 -28.85
N PRO C 121 35.73 -0.15 -29.16
CA PRO C 121 35.50 -1.24 -28.20
C PRO C 121 36.45 -1.12 -27.01
N SER C 122 35.93 -1.49 -25.84
CA SER C 122 36.74 -1.44 -24.63
C SER C 122 37.77 -2.57 -24.63
N ASP C 123 38.84 -2.37 -23.86
CA ASP C 123 39.85 -3.40 -23.71
C ASP C 123 39.26 -4.65 -23.05
N GLU C 124 38.39 -4.44 -22.06
CA GLU C 124 37.74 -5.56 -21.37
C GLU C 124 36.95 -6.41 -22.35
N GLN C 125 36.30 -5.78 -23.34
CA GLN C 125 35.59 -6.55 -24.35
C GLN C 125 36.57 -7.20 -25.32
N LEU C 126 37.63 -6.49 -25.68
CA LEU C 126 38.66 -7.06 -26.55
C LEU C 126 39.30 -8.31 -25.95
N LYS C 127 39.25 -8.46 -24.63
CA LYS C 127 39.72 -9.69 -24.01
C LYS C 127 38.87 -10.89 -24.42
N SER C 128 37.61 -10.67 -24.78
CA SER C 128 36.68 -11.76 -25.04
C SER C 128 36.71 -12.26 -26.48
N GLY C 129 37.35 -11.54 -27.39
CA GLY C 129 37.43 -11.94 -28.78
C GLY C 129 36.46 -11.27 -29.71
N THR C 130 35.53 -10.47 -29.17
CA THR C 130 34.55 -9.73 -29.97
C THR C 130 34.76 -8.24 -29.74
N ALA C 131 34.69 -7.46 -30.82
CA ALA C 131 34.83 -6.01 -30.75
C ALA C 131 33.53 -5.36 -31.18
N SER C 132 33.09 -4.35 -30.42
CA SER C 132 31.85 -3.64 -30.72
C SER C 132 32.15 -2.15 -30.78
N VAL C 133 31.96 -1.57 -31.97
CA VAL C 133 32.10 -0.14 -32.18
C VAL C 133 30.71 0.48 -32.18
N VAL C 134 30.55 1.62 -31.51
CA VAL C 134 29.25 2.23 -31.33
C VAL C 134 29.24 3.61 -31.98
N CYS C 135 28.14 3.93 -32.65
CA CYS C 135 27.92 5.27 -33.20
C CYS C 135 26.58 5.79 -32.71
N LEU C 136 26.60 6.90 -31.99
CA LEU C 136 25.43 7.48 -31.36
C LEU C 136 24.99 8.74 -32.11
N LEU C 137 23.70 8.80 -32.42
CA LEU C 137 23.06 9.97 -33.02
C LEU C 137 22.08 10.50 -31.98
N ASN C 138 22.41 11.63 -31.37
CA ASN C 138 21.68 12.14 -30.22
C ASN C 138 20.82 13.33 -30.60
N ASN C 139 19.54 13.28 -30.19
CA ASN C 139 18.63 14.41 -30.27
C ASN C 139 18.47 14.94 -31.69
N PHE C 140 17.59 14.32 -32.47
CA PHE C 140 17.37 14.73 -33.85
C PHE C 140 15.91 14.53 -34.22
N TYR C 141 15.51 15.19 -35.30
CA TYR C 141 14.15 15.11 -35.84
C TYR C 141 14.20 15.57 -37.28
N PRO C 142 13.50 14.91 -38.21
CA PRO C 142 12.59 13.75 -38.03
C PRO C 142 13.32 12.44 -37.76
N ARG C 143 12.58 11.33 -37.81
CA ARG C 143 13.10 10.04 -37.42
C ARG C 143 13.99 9.40 -38.48
N GLU C 144 13.88 9.82 -39.74
CA GLU C 144 14.63 9.19 -40.82
C GLU C 144 16.07 9.70 -40.85
N ALA C 145 17.01 8.76 -40.89
CA ALA C 145 18.43 9.08 -40.98
C ALA C 145 19.18 7.82 -41.38
N LYS C 146 20.41 8.01 -41.87
CA LYS C 146 21.26 6.90 -42.27
C LYS C 146 22.61 6.95 -41.54
N VAL C 147 23.04 5.78 -41.06
CA VAL C 147 24.38 5.56 -40.56
C VAL C 147 25.09 4.59 -41.51
N GLN C 148 26.33 4.90 -41.86
CA GLN C 148 27.14 4.04 -42.73
C GLN C 148 28.50 3.81 -42.07
N TRP C 149 28.88 2.55 -41.94
CA TRP C 149 30.13 2.18 -41.28
C TRP C 149 31.24 2.04 -42.31
N LYS C 150 32.43 2.52 -41.96
CA LYS C 150 33.62 2.40 -42.80
C LYS C 150 34.77 1.86 -41.97
N VAL C 151 35.34 0.75 -42.42
CA VAL C 151 36.53 0.15 -41.82
C VAL C 151 37.64 0.23 -42.87
N ASP C 152 38.60 1.12 -42.63
CA ASP C 152 39.64 1.44 -43.63
C ASP C 152 39.00 1.92 -44.92
N ASN C 153 38.05 2.84 -44.80
CA ASN C 153 37.28 3.43 -45.89
C ASN C 153 36.46 2.40 -46.67
N ALA C 154 36.37 1.17 -46.18
CA ALA C 154 35.57 0.14 -46.82
C ALA C 154 34.19 0.12 -46.17
N LEU C 155 33.15 0.35 -46.97
CA LEU C 155 31.80 0.40 -46.45
C LEU C 155 31.38 -0.97 -45.91
N GLN C 156 30.68 -0.95 -44.78
CA GLN C 156 30.27 -2.17 -44.09
C GLN C 156 28.78 -2.42 -44.29
N SER C 157 28.42 -3.69 -44.37
CA SER C 157 27.03 -4.08 -44.57
C SER C 157 26.83 -5.48 -44.03
N GLY C 158 25.75 -5.69 -43.28
CA GLY C 158 25.43 -6.98 -42.71
C GLY C 158 26.04 -7.28 -41.36
N ASN C 159 26.79 -6.34 -40.78
CA ASN C 159 27.43 -6.53 -39.48
C ASN C 159 27.09 -5.41 -38.51
N SER C 160 26.01 -4.66 -38.77
CA SER C 160 25.62 -3.54 -37.92
C SER C 160 24.15 -3.64 -37.59
N GLN C 161 23.81 -3.27 -36.35
CA GLN C 161 22.42 -3.26 -35.89
C GLN C 161 22.08 -1.91 -35.28
N GLU C 162 20.85 -1.46 -35.50
CA GLU C 162 20.42 -0.15 -35.07
C GLU C 162 19.31 -0.25 -34.02
N SER C 163 19.29 0.73 -33.12
CA SER C 163 18.26 0.84 -32.09
C SER C 163 17.88 2.30 -31.92
N VAL C 164 16.59 2.57 -31.76
CA VAL C 164 16.09 3.93 -31.68
C VAL C 164 15.20 4.07 -30.45
N THR C 165 15.43 5.12 -29.67
CA THR C 165 14.54 5.44 -28.57
C THR C 165 13.25 6.07 -29.09
N GLU C 166 12.24 6.10 -28.24
CA GLU C 166 10.98 6.73 -28.59
C GLU C 166 11.13 8.26 -28.54
N GLN C 167 10.07 8.95 -28.96
CA GLN C 167 10.07 10.41 -28.93
C GLN C 167 10.22 10.90 -27.49
N ASP C 168 11.23 11.74 -27.27
CA ASP C 168 11.49 12.24 -25.93
C ASP C 168 10.33 13.09 -25.44
N SER C 169 10.03 12.98 -24.15
CA SER C 169 8.87 13.67 -23.57
C SER C 169 9.08 15.17 -23.40
N LYS C 170 10.30 15.67 -23.53
CA LYS C 170 10.59 17.08 -23.30
C LYS C 170 10.79 17.85 -24.60
N ASP C 171 11.68 17.39 -25.48
CA ASP C 171 11.98 18.09 -26.72
C ASP C 171 11.44 17.39 -27.97
N SER C 172 10.80 16.22 -27.82
CA SER C 172 10.18 15.51 -28.94
C SER C 172 11.20 15.16 -30.02
N THR C 173 12.39 14.71 -29.60
CA THR C 173 13.44 14.28 -30.50
C THR C 173 13.71 12.79 -30.31
N TYR C 174 14.46 12.23 -31.24
CA TYR C 174 14.82 10.82 -31.23
C TYR C 174 16.31 10.66 -30.97
N SER C 175 16.71 9.41 -30.72
CA SER C 175 18.11 9.06 -30.55
C SER C 175 18.31 7.66 -31.13
N LEU C 176 19.46 7.46 -31.79
CA LEU C 176 19.76 6.20 -32.45
C LEU C 176 21.15 5.74 -32.07
N SER C 177 21.32 4.41 -32.03
CA SER C 177 22.60 3.78 -31.73
C SER C 177 22.84 2.69 -32.76
N SER C 178 23.99 2.75 -33.41
CA SER C 178 24.40 1.76 -34.40
C SER C 178 25.61 1.00 -33.87
N THR C 179 25.48 -0.32 -33.76
CA THR C 179 26.51 -1.18 -33.23
C THR C 179 27.10 -2.00 -34.37
N LEU C 180 28.42 -1.88 -34.56
CA LEU C 180 29.17 -2.66 -35.53
C LEU C 180 29.95 -3.73 -34.77
N THR C 181 29.67 -5.00 -35.08
CA THR C 181 30.27 -6.13 -34.39
C THR C 181 31.29 -6.79 -35.30
N LEU C 182 32.53 -6.92 -34.81
CA LEU C 182 33.60 -7.55 -35.55
C LEU C 182 34.30 -8.56 -34.66
N SER C 183 35.10 -9.43 -35.29
CA SER C 183 35.99 -10.29 -34.54
C SER C 183 37.22 -9.50 -34.11
N LYS C 184 37.90 -9.99 -33.06
CA LYS C 184 39.07 -9.30 -32.55
C LYS C 184 40.18 -9.27 -33.60
N ALA C 185 40.34 -10.36 -34.35
CA ALA C 185 41.37 -10.42 -35.37
C ALA C 185 41.12 -9.40 -36.48
N ASP C 186 39.87 -9.35 -36.98
CA ASP C 186 39.54 -8.39 -38.01
C ASP C 186 39.60 -6.95 -37.49
N TYR C 187 39.28 -6.74 -36.21
CA TYR C 187 39.40 -5.41 -35.64
C TYR C 187 40.85 -4.98 -35.53
N GLU C 188 41.74 -5.90 -35.17
CA GLU C 188 43.16 -5.59 -35.09
C GLU C 188 43.82 -5.49 -36.46
N LYS C 189 43.21 -6.07 -37.49
CA LYS C 189 43.78 -6.03 -38.83
C LYS C 189 43.58 -4.69 -39.53
N HIS C 190 42.73 -3.81 -38.99
CA HIS C 190 42.45 -2.51 -39.58
C HIS C 190 42.74 -1.40 -38.57
N LYS C 191 42.77 -0.17 -39.09
CA LYS C 191 43.18 0.99 -38.31
C LYS C 191 42.06 2.02 -38.15
N VAL C 192 41.59 2.61 -39.25
CA VAL C 192 40.60 3.67 -39.19
C VAL C 192 39.21 3.09 -39.10
N TYR C 193 38.38 3.65 -38.22
CA TYR C 193 36.99 3.22 -38.06
C TYR C 193 36.11 4.46 -38.00
N ALA C 194 35.14 4.56 -38.90
CA ALA C 194 34.33 5.75 -39.02
C ALA C 194 32.86 5.40 -39.18
N CYS C 195 32.00 6.29 -38.71
CA CYS C 195 30.57 6.24 -39.00
C CYS C 195 30.15 7.57 -39.63
N GLU C 196 29.45 7.48 -40.76
CA GLU C 196 29.02 8.62 -41.54
C GLU C 196 27.51 8.72 -41.47
N VAL C 197 27.00 9.89 -41.10
CA VAL C 197 25.60 10.11 -40.80
C VAL C 197 25.02 11.07 -41.81
N THR C 198 23.84 10.74 -42.35
CA THR C 198 23.09 11.62 -43.23
C THR C 198 21.70 11.82 -42.65
N HIS C 199 21.26 13.07 -42.59
CA HIS C 199 19.97 13.42 -42.00
C HIS C 199 19.49 14.72 -42.64
N GLN C 200 18.18 14.97 -42.50
CA GLN C 200 17.59 16.17 -43.10
C GLN C 200 18.22 17.45 -42.57
N GLY C 201 18.62 17.45 -41.30
CA GLY C 201 19.24 18.63 -40.71
C GLY C 201 20.69 18.86 -41.07
N LEU C 202 21.30 17.95 -41.82
CA LEU C 202 22.70 18.05 -42.20
C LEU C 202 22.82 18.36 -43.69
N SER C 203 23.55 19.43 -44.01
CA SER C 203 23.81 19.76 -45.40
C SER C 203 24.84 18.84 -46.02
N SER C 204 25.81 18.37 -45.23
CA SER C 204 26.81 17.42 -45.64
C SER C 204 26.84 16.25 -44.67
N PRO C 205 27.22 15.06 -45.12
CA PRO C 205 27.28 13.91 -44.21
C PRO C 205 28.35 14.12 -43.14
N VAL C 206 27.96 13.89 -41.89
CA VAL C 206 28.84 14.10 -40.76
C VAL C 206 29.54 12.78 -40.43
N THR C 207 30.86 12.76 -40.53
CA THR C 207 31.64 11.55 -40.31
C THR C 207 32.45 11.70 -39.02
N LYS C 208 32.33 10.71 -38.14
CA LYS C 208 33.13 10.65 -36.92
C LYS C 208 33.97 9.38 -36.95
N SER C 209 35.27 9.54 -36.76
CA SER C 209 36.21 8.45 -36.95
C SER C 209 37.23 8.42 -35.81
N PHE C 210 37.90 7.27 -35.69
CA PHE C 210 39.03 7.14 -34.79
C PHE C 210 40.04 6.19 -35.39
N ASN C 211 41.25 6.21 -34.85
CA ASN C 211 42.33 5.32 -35.24
C ASN C 211 42.58 4.32 -34.12
N ARG C 212 42.73 3.05 -34.49
CA ARG C 212 42.93 1.99 -33.50
C ARG C 212 44.28 2.17 -32.81
N GLY C 213 44.24 2.36 -31.49
CA GLY C 213 45.47 2.51 -30.74
C GLY C 213 46.12 3.88 -30.86
N GLU C 214 45.34 4.92 -31.10
CA GLU C 214 45.88 6.27 -31.22
C GLU C 214 45.13 7.24 -30.32
N GLN D 1 -18.19 0.94 12.76
CA GLN D 1 -18.52 2.33 13.03
C GLN D 1 -18.37 2.71 14.50
N VAL D 2 -17.85 1.79 15.31
CA VAL D 2 -17.57 2.10 16.71
C VAL D 2 -16.45 3.12 16.75
N GLN D 3 -16.74 4.32 17.27
CA GLN D 3 -15.77 5.40 17.29
C GLN D 3 -15.51 5.84 18.72
N LEU D 4 -14.23 5.98 19.06
CA LEU D 4 -13.79 6.53 20.35
C LEU D 4 -12.88 7.71 20.05
N VAL D 5 -13.33 8.91 20.37
CA VAL D 5 -12.62 10.14 20.04
C VAL D 5 -12.17 10.79 21.35
N GLN D 6 -10.87 10.94 21.52
CA GLN D 6 -10.30 11.50 22.74
C GLN D 6 -9.98 12.98 22.57
N SER D 7 -9.78 13.65 23.70
CA SER D 7 -9.48 15.07 23.70
C SER D 7 -8.04 15.33 23.25
N GLY D 8 -7.72 16.61 23.08
CA GLY D 8 -6.42 16.99 22.57
C GLY D 8 -5.30 16.84 23.59
N ALA D 9 -4.08 16.87 23.09
CA ALA D 9 -2.90 16.75 23.93
C ALA D 9 -2.76 17.96 24.85
N GLU D 10 -2.27 17.72 26.07
CA GLU D 10 -2.14 18.76 27.07
C GLU D 10 -0.76 18.72 27.70
N VAL D 11 -0.40 19.85 28.32
CA VAL D 11 0.82 19.96 29.11
C VAL D 11 0.45 20.50 30.48
N LYS D 12 0.91 19.83 31.53
CA LYS D 12 0.62 20.21 32.90
C LYS D 12 1.91 20.24 33.71
N LYS D 13 1.95 21.12 34.70
CA LYS D 13 3.11 21.22 35.56
C LYS D 13 3.16 20.04 36.52
N PRO D 14 4.36 19.66 37.00
CA PRO D 14 4.45 18.58 37.98
C PRO D 14 3.71 18.93 39.26
N GLY D 15 2.80 18.04 39.66
CA GLY D 15 1.98 18.24 40.84
C GLY D 15 0.55 18.63 40.55
N ALA D 16 0.26 19.07 39.33
CA ALA D 16 -1.09 19.47 38.96
C ALA D 16 -1.90 18.22 38.61
N SER D 17 -3.06 18.42 38.00
CA SER D 17 -3.93 17.33 37.57
C SER D 17 -4.38 17.56 36.14
N VAL D 18 -4.78 16.48 35.48
CA VAL D 18 -5.24 16.53 34.10
C VAL D 18 -6.46 15.64 33.96
N LYS D 19 -7.33 15.99 33.02
CA LYS D 19 -8.56 15.24 32.76
C LYS D 19 -8.69 15.01 31.26
N VAL D 20 -8.68 13.75 30.85
CA VAL D 20 -8.77 13.36 29.45
C VAL D 20 -10.14 12.75 29.20
N SER D 21 -10.79 13.16 28.11
CA SER D 21 -12.10 12.67 27.75
C SER D 21 -12.01 11.65 26.62
N CYS D 22 -13.07 10.86 26.49
CA CYS D 22 -13.19 9.87 25.41
C CYS D 22 -14.67 9.75 25.08
N LYS D 23 -15.08 10.39 24.00
CA LYS D 23 -16.47 10.37 23.55
C LYS D 23 -16.69 9.15 22.67
N ALA D 24 -17.73 8.37 22.97
CA ALA D 24 -18.04 7.14 22.26
C ALA D 24 -19.26 7.35 21.38
N SER D 25 -19.21 6.77 20.18
CA SER D 25 -20.34 6.88 19.25
C SER D 25 -20.39 5.62 18.40
N GLY D 26 -21.56 5.39 17.80
CA GLY D 26 -21.76 4.24 16.95
C GLY D 26 -22.21 2.98 17.66
N TYR D 27 -22.49 3.05 18.96
CA TYR D 27 -22.91 1.88 19.71
C TYR D 27 -23.63 2.35 20.97
N THR D 28 -24.35 1.42 21.60
CA THR D 28 -25.04 1.72 22.85
C THR D 28 -24.00 1.93 23.95
N PHE D 29 -23.93 3.16 24.45
CA PHE D 29 -22.85 3.56 25.34
C PHE D 29 -22.82 2.72 26.62
N THR D 30 -23.95 2.64 27.32
CA THR D 30 -24.02 2.02 28.64
C THR D 30 -23.89 0.50 28.61
N SER D 31 -23.58 -0.15 27.49
CA SER D 31 -23.57 -1.60 27.41
C SER D 31 -22.17 -2.21 27.53
N TYR D 32 -21.14 -1.39 27.71
CA TYR D 32 -19.76 -1.89 27.65
C TYR D 32 -18.92 -1.23 28.74
N TYR D 33 -17.91 -1.98 29.19
CA TYR D 33 -16.90 -1.42 30.09
C TYR D 33 -15.89 -0.60 29.29
N MET D 34 -15.30 0.38 29.96
CA MET D 34 -14.29 1.24 29.34
C MET D 34 -13.02 1.17 30.17
N HIS D 35 -11.90 0.82 29.53
CA HIS D 35 -10.62 0.70 30.19
C HIS D 35 -9.70 1.84 29.76
N TRP D 36 -8.71 2.14 30.58
CA TRP D 36 -7.71 3.14 30.25
C TRP D 36 -6.32 2.51 30.31
N VAL D 37 -5.51 2.77 29.29
CA VAL D 37 -4.16 2.22 29.19
C VAL D 37 -3.21 3.33 28.74
N ARG D 38 -2.14 3.54 29.49
CA ARG D 38 -1.18 4.57 29.15
C ARG D 38 0.12 3.95 28.62
N GLN D 39 0.81 4.73 27.79
CA GLN D 39 2.06 4.30 27.17
C GLN D 39 3.04 5.46 27.21
N ALA D 40 4.14 5.28 27.93
CA ALA D 40 5.17 6.31 27.97
C ALA D 40 5.91 6.37 26.64
N PRO D 41 6.48 7.52 26.28
CA PRO D 41 7.19 7.64 25.00
C PRO D 41 8.30 6.61 24.83
N GLY D 42 8.14 5.73 23.86
CA GLY D 42 9.10 4.67 23.61
C GLY D 42 9.02 3.50 24.55
N GLN D 43 8.04 3.47 25.46
CA GLN D 43 7.89 2.39 26.43
C GLN D 43 6.66 1.55 26.09
N GLY D 44 6.39 0.57 26.94
CA GLY D 44 5.31 -0.37 26.72
C GLY D 44 3.97 0.16 27.18
N LEU D 45 3.02 -0.76 27.29
CA LEU D 45 1.65 -0.45 27.67
C LEU D 45 1.43 -0.75 29.15
N GLU D 46 0.66 0.11 29.81
CA GLU D 46 0.39 -0.02 31.24
C GLU D 46 -1.09 0.15 31.48
N TRP D 47 -1.74 -0.90 32.00
CA TRP D 47 -3.16 -0.85 32.29
C TRP D 47 -3.42 0.00 33.53
N MET D 48 -4.38 0.91 33.45
CA MET D 48 -4.68 1.84 34.53
C MET D 48 -5.92 1.47 35.31
N GLY D 49 -7.04 1.24 34.63
CA GLY D 49 -8.25 0.88 35.34
C GLY D 49 -9.41 0.67 34.39
N ILE D 50 -10.54 0.29 35.00
CA ILE D 50 -11.77 -0.06 34.28
C ILE D 50 -12.93 0.66 34.93
N ILE D 51 -13.89 1.12 34.11
CA ILE D 51 -15.10 1.77 34.59
C ILE D 51 -16.31 1.15 33.90
N ASN D 52 -17.37 0.94 34.66
CA ASN D 52 -18.65 0.49 34.12
C ASN D 52 -19.42 1.70 33.60
N SER D 53 -19.73 1.70 32.30
CA SER D 53 -20.35 2.86 31.67
C SER D 53 -21.80 3.06 32.08
N SER D 54 -22.40 2.10 32.80
CA SER D 54 -23.80 2.22 33.20
C SER D 54 -23.92 2.79 34.62
N GLY D 55 -23.32 2.12 35.60
CA GLY D 55 -23.43 2.55 36.97
C GLY D 55 -22.36 3.54 37.40
N GLY D 56 -21.17 3.42 36.81
CA GLY D 56 -20.06 4.29 37.16
C GLY D 56 -19.07 3.69 38.13
N SER D 57 -19.28 2.44 38.55
CA SER D 57 -18.33 1.79 39.45
C SER D 57 -16.99 1.61 38.76
N THR D 58 -15.92 1.78 39.52
CA THR D 58 -14.57 1.79 38.97
C THR D 58 -13.69 0.76 39.68
N SER D 59 -12.59 0.41 39.02
CA SER D 59 -11.58 -0.45 39.61
C SER D 59 -10.22 -0.02 39.04
N TYR D 60 -9.33 0.44 39.91
CA TYR D 60 -8.04 0.97 39.50
C TYR D 60 -6.93 -0.01 39.87
N ALA D 61 -5.84 0.04 39.10
CA ALA D 61 -4.64 -0.68 39.48
C ALA D 61 -4.08 -0.11 40.78
N GLN D 62 -3.30 -0.94 41.49
CA GLN D 62 -2.86 -0.56 42.83
C GLN D 62 -1.93 0.65 42.80
N LYS D 63 -1.03 0.71 41.82
CA LYS D 63 -0.07 1.82 41.77
C LYS D 63 -0.72 3.15 41.42
N PHE D 64 -1.97 3.15 40.96
CA PHE D 64 -2.69 4.39 40.65
C PHE D 64 -3.82 4.67 41.62
N GLN D 65 -4.06 3.81 42.61
CA GLN D 65 -5.12 4.03 43.56
C GLN D 65 -4.83 5.28 44.40
N GLY D 66 -5.75 6.24 44.37
CA GLY D 66 -5.59 7.50 45.05
C GLY D 66 -5.18 8.65 44.15
N ARG D 67 -4.64 8.35 42.96
CA ARG D 67 -4.24 9.39 42.02
C ARG D 67 -5.16 9.49 40.80
N VAL D 68 -5.90 8.43 40.48
CA VAL D 68 -6.72 8.39 39.28
C VAL D 68 -8.19 8.27 39.67
N THR D 69 -9.05 8.97 38.94
CA THR D 69 -10.49 8.90 39.08
C THR D 69 -11.11 8.78 37.70
N MET D 70 -11.93 7.76 37.49
CA MET D 70 -12.63 7.56 36.23
C MET D 70 -14.11 7.81 36.41
N THR D 71 -14.68 8.65 35.55
CA THR D 71 -16.09 9.02 35.59
C THR D 71 -16.72 8.78 34.23
N ARG D 72 -18.04 8.82 34.19
CA ARG D 72 -18.77 8.59 32.95
C ARG D 72 -19.98 9.52 32.89
N ASP D 73 -20.32 9.94 31.68
CA ASP D 73 -21.50 10.75 31.41
C ASP D 73 -22.25 10.04 30.30
N THR D 74 -23.45 9.56 30.62
CA THR D 74 -24.25 8.79 29.66
C THR D 74 -24.98 9.68 28.67
N SER D 75 -25.36 10.89 29.10
CA SER D 75 -26.10 11.79 28.20
C SER D 75 -25.23 12.26 27.04
N THR D 76 -23.91 12.29 27.23
CA THR D 76 -22.98 12.64 26.16
C THR D 76 -22.15 11.46 25.70
N SER D 77 -22.30 10.30 26.33
CA SER D 77 -21.55 9.08 26.00
C SER D 77 -20.04 9.34 26.04
N THR D 78 -19.58 9.81 27.19
CA THR D 78 -18.19 10.24 27.34
C THR D 78 -17.61 9.69 28.65
N VAL D 79 -16.42 9.10 28.55
CA VAL D 79 -15.70 8.58 29.71
C VAL D 79 -14.54 9.51 30.01
N TYR D 80 -14.39 9.91 31.26
CA TYR D 80 -13.34 10.82 31.68
C TYR D 80 -12.36 10.12 32.62
N MET D 81 -11.08 10.44 32.45
CA MET D 81 -10.01 9.93 33.31
C MET D 81 -9.21 11.12 33.83
N GLU D 82 -9.22 11.32 35.15
CA GLU D 82 -8.49 12.42 35.78
C GLU D 82 -7.35 11.84 36.61
N LEU D 83 -6.14 12.36 36.38
CA LEU D 83 -4.97 11.97 37.14
C LEU D 83 -4.42 13.20 37.86
N SER D 84 -4.27 13.09 39.17
CA SER D 84 -3.76 14.17 40.01
C SER D 84 -2.36 13.84 40.49
N SER D 85 -1.69 14.86 41.04
CA SER D 85 -0.31 14.75 41.53
C SER D 85 0.61 14.21 40.42
N LEU D 86 0.71 14.99 39.35
CA LEU D 86 1.44 14.56 38.17
C LEU D 86 2.94 14.66 38.39
N ARG D 87 3.67 13.65 37.90
CA ARG D 87 5.12 13.64 37.89
C ARG D 87 5.59 13.39 36.46
N SER D 88 6.91 13.52 36.26
CA SER D 88 7.48 13.29 34.94
C SER D 88 7.26 11.87 34.45
N GLU D 89 7.05 10.91 35.37
CA GLU D 89 6.74 9.54 34.97
C GLU D 89 5.34 9.41 34.37
N ASP D 90 4.52 10.44 34.44
CA ASP D 90 3.15 10.39 33.93
C ASP D 90 3.01 10.98 32.53
N THR D 91 4.06 11.59 31.99
CA THR D 91 4.05 12.06 30.61
C THR D 91 3.91 10.87 29.67
N ALA D 92 2.76 10.73 29.01
CA ALA D 92 2.49 9.53 28.24
C ALA D 92 1.28 9.76 27.34
N VAL D 93 1.05 8.82 26.44
CA VAL D 93 -0.15 8.79 25.61
C VAL D 93 -1.17 7.88 26.27
N TYR D 94 -2.36 8.41 26.52
CA TYR D 94 -3.41 7.71 27.24
C TYR D 94 -4.50 7.30 26.26
N TYR D 95 -4.85 6.01 26.27
CA TYR D 95 -5.83 5.44 25.35
C TYR D 95 -7.05 4.96 26.14
N CYS D 96 -8.23 5.24 25.60
CA CYS D 96 -9.47 4.63 26.06
C CYS D 96 -9.78 3.44 25.18
N ALA D 97 -10.03 2.28 25.80
CA ALA D 97 -10.24 1.04 25.08
C ALA D 97 -11.57 0.43 25.47
N ARG D 98 -12.22 -0.20 24.50
CA ARG D 98 -13.47 -0.91 24.72
C ARG D 98 -13.29 -2.38 24.37
N PRO D 99 -13.46 -3.29 25.33
CA PRO D 99 -13.56 -4.71 25.02
C PRO D 99 -15.01 -5.10 24.85
N PRO D 100 -15.29 -6.35 24.45
CA PRO D 100 -16.70 -6.76 24.34
C PRO D 100 -17.37 -6.97 25.69
N ARG D 101 -18.58 -7.50 25.67
CA ARG D 101 -19.34 -7.71 26.90
C ARG D 101 -18.93 -9.00 27.58
N ASN D 102 -18.81 -8.96 28.91
CA ASN D 102 -18.58 -10.17 29.69
C ASN D 102 -19.84 -11.03 29.71
N TYR D 103 -19.65 -12.32 30.01
CA TYR D 103 -20.73 -13.28 29.87
C TYR D 103 -20.69 -14.32 30.99
N TYR D 104 -21.64 -15.24 30.90
CA TYR D 104 -21.77 -16.37 31.81
C TYR D 104 -21.69 -17.66 31.01
N ASP D 105 -21.08 -18.68 31.61
CA ASP D 105 -21.03 -19.99 31.01
C ASP D 105 -22.13 -20.88 31.60
N ARG D 106 -22.10 -22.17 31.29
CA ARG D 106 -23.19 -23.05 31.70
C ARG D 106 -23.24 -23.23 33.21
N SER D 107 -22.09 -23.46 33.85
CA SER D 107 -22.06 -23.59 35.30
C SER D 107 -22.36 -22.27 36.03
N GLY D 108 -22.79 -21.25 35.29
CA GLY D 108 -23.22 -20.00 35.87
C GLY D 108 -22.13 -19.10 36.36
N TYR D 109 -20.90 -19.25 35.85
CA TYR D 109 -19.77 -18.47 36.33
C TYR D 109 -19.54 -17.28 35.40
N TYR D 110 -19.37 -16.10 36.00
CA TYR D 110 -19.14 -14.87 35.25
C TYR D 110 -17.82 -14.96 34.50
N GLN D 111 -17.88 -14.84 33.17
CA GLN D 111 -16.72 -14.94 32.31
C GLN D 111 -16.41 -13.56 31.74
N ARG D 112 -15.21 -13.05 32.01
CA ARG D 112 -14.77 -11.77 31.50
C ARG D 112 -14.13 -11.95 30.13
N ALA D 113 -14.37 -10.96 29.25
CA ALA D 113 -13.80 -10.95 27.90
C ALA D 113 -13.09 -9.60 27.74
N GLU D 114 -11.90 -9.50 28.32
CA GLU D 114 -11.17 -8.24 28.37
C GLU D 114 -10.02 -8.24 27.35
N TYR D 115 -10.42 -8.29 26.08
CA TYR D 115 -9.52 -8.07 24.96
C TYR D 115 -10.01 -6.84 24.21
N PHE D 116 -9.17 -5.82 24.13
CA PHE D 116 -9.60 -4.48 23.72
C PHE D 116 -9.81 -4.46 22.21
N GLN D 117 -11.08 -4.54 21.79
CA GLN D 117 -11.39 -4.57 20.38
C GLN D 117 -11.40 -3.18 19.75
N HIS D 118 -11.73 -2.15 20.53
CA HIS D 118 -11.70 -0.79 20.00
C HIS D 118 -10.83 0.09 20.87
N TRP D 119 -10.20 1.09 20.24
CA TRP D 119 -9.30 2.00 20.93
C TRP D 119 -9.56 3.42 20.48
N GLY D 120 -9.28 4.37 21.38
CA GLY D 120 -9.22 5.76 21.00
C GLY D 120 -7.88 6.10 20.38
N GLN D 121 -7.80 7.28 19.78
CA GLN D 121 -6.58 7.70 19.12
C GLN D 121 -5.47 8.07 20.10
N GLY D 122 -5.79 8.23 21.38
CA GLY D 122 -4.80 8.57 22.38
C GLY D 122 -4.71 10.05 22.64
N THR D 123 -4.22 10.39 23.84
CA THR D 123 -4.04 11.77 24.25
C THR D 123 -2.68 11.90 24.93
N LEU D 124 -1.83 12.79 24.40
CA LEU D 124 -0.50 12.98 24.94
C LEU D 124 -0.54 13.99 26.07
N VAL D 125 -0.15 13.55 27.27
CA VAL D 125 -0.05 14.42 28.44
C VAL D 125 1.42 14.59 28.76
N THR D 126 1.90 15.82 28.72
CA THR D 126 3.30 16.16 28.96
C THR D 126 3.41 16.88 30.31
N VAL D 127 4.13 16.27 31.24
CA VAL D 127 4.35 16.85 32.56
C VAL D 127 5.66 17.64 32.52
N SER D 128 5.54 18.97 32.47
CA SER D 128 6.71 19.83 32.35
C SER D 128 6.38 21.20 32.91
N SER D 129 7.41 21.87 33.42
CA SER D 129 7.30 23.25 33.88
C SER D 129 7.55 24.26 32.77
N ALA D 130 8.10 23.83 31.64
CA ALA D 130 8.35 24.74 30.52
C ALA D 130 7.04 25.24 29.94
N SER D 131 7.12 26.39 29.28
CA SER D 131 5.94 27.04 28.71
C SER D 131 5.58 26.41 27.36
N THR D 132 4.35 26.66 26.93
CA THR D 132 3.85 26.19 25.65
C THR D 132 4.18 27.22 24.57
N LYS D 133 4.76 26.77 23.47
CA LYS D 133 5.14 27.64 22.37
C LYS D 133 4.60 27.08 21.06
N GLY D 134 3.98 27.94 20.26
CA GLY D 134 3.51 27.56 18.95
C GLY D 134 4.64 27.56 17.94
N PRO D 135 4.59 26.65 16.97
CA PRO D 135 5.68 26.54 16.00
C PRO D 135 5.57 27.57 14.89
N SER D 136 6.62 27.60 14.08
CA SER D 136 6.65 28.37 12.84
C SER D 136 6.81 27.41 11.67
N VAL D 137 6.03 27.62 10.62
CA VAL D 137 6.00 26.73 9.46
C VAL D 137 6.67 27.46 8.30
N PHE D 138 7.78 26.91 7.84
CA PHE D 138 8.47 27.47 6.68
C PHE D 138 8.38 26.51 5.49
N PRO D 139 8.25 27.04 4.28
CA PRO D 139 8.16 26.16 3.10
C PRO D 139 9.53 25.60 2.73
N LEU D 140 9.53 24.34 2.32
CA LEU D 140 10.70 23.66 1.76
C LEU D 140 10.41 23.51 0.28
N ALA D 141 10.87 24.47 -0.51
CA ALA D 141 10.47 24.61 -1.90
C ALA D 141 11.21 23.61 -2.79
N PRO D 142 10.55 23.10 -3.82
CA PRO D 142 11.25 22.24 -4.79
C PRO D 142 12.02 23.06 -5.81
N SER D 143 13.16 22.51 -6.22
CA SER D 143 14.02 23.18 -7.18
C SER D 143 14.10 22.40 -8.49
N GLY D 149 9.48 15.99 -15.97
CA GLY D 149 9.13 14.58 -16.07
C GLY D 149 9.71 13.74 -14.97
N GLY D 150 10.67 14.30 -14.24
CA GLY D 150 11.33 13.61 -13.14
C GLY D 150 10.50 13.63 -11.87
N THR D 151 11.20 13.60 -10.74
CA THR D 151 10.57 13.61 -9.43
C THR D 151 11.13 14.76 -8.61
N ALA D 152 10.24 15.59 -8.07
CA ALA D 152 10.62 16.68 -7.19
C ALA D 152 10.18 16.37 -5.76
N ALA D 153 10.81 17.04 -4.81
CA ALA D 153 10.49 16.88 -3.40
C ALA D 153 10.23 18.26 -2.80
N LEU D 154 9.12 18.39 -2.08
CA LEU D 154 8.80 19.62 -1.38
C LEU D 154 8.36 19.28 0.03
N GLY D 155 8.16 20.30 0.86
CA GLY D 155 7.77 20.02 2.22
C GLY D 155 7.58 21.26 3.07
N CYS D 156 7.53 21.03 4.38
CA CYS D 156 7.32 22.09 5.36
C CYS D 156 8.13 21.80 6.61
N LEU D 157 8.86 22.81 7.07
CA LEU D 157 9.64 22.73 8.30
C LEU D 157 8.83 23.36 9.43
N VAL D 158 8.48 22.55 10.42
CA VAL D 158 7.72 22.99 11.58
C VAL D 158 8.71 23.11 12.73
N LYS D 159 9.10 24.34 13.07
CA LYS D 159 10.22 24.60 13.96
C LYS D 159 9.77 25.31 15.23
N ASP D 160 10.47 25.02 16.33
CA ASP D 160 10.38 25.79 17.57
C ASP D 160 8.97 25.75 18.16
N TYR D 161 8.62 24.58 18.70
CA TYR D 161 7.37 24.41 19.42
C TYR D 161 7.58 23.52 20.63
N PHE D 162 6.61 23.60 21.56
CA PHE D 162 6.59 22.78 22.75
C PHE D 162 5.18 22.84 23.33
N PRO D 163 4.62 21.73 23.79
CA PRO D 163 5.19 20.37 23.77
C PRO D 163 4.81 19.64 22.49
N GLU D 164 5.19 18.36 22.37
CA GLU D 164 4.70 17.54 21.30
C GLU D 164 3.21 17.26 21.52
N PRO D 165 2.48 16.90 20.44
CA PRO D 165 2.90 16.76 19.06
C PRO D 165 2.32 17.82 18.12
N VAL D 166 2.83 17.87 16.89
CA VAL D 166 2.18 18.59 15.81
C VAL D 166 1.75 17.56 14.77
N THR D 167 0.64 17.85 14.10
CA THR D 167 0.11 16.98 13.05
C THR D 167 0.15 17.72 11.73
N VAL D 168 0.76 17.10 10.72
CA VAL D 168 0.92 17.70 9.40
C VAL D 168 0.21 16.83 8.38
N SER D 169 -0.66 17.44 7.59
CA SER D 169 -1.30 16.82 6.45
C SER D 169 -0.98 17.62 5.19
N TRP D 170 -1.35 17.08 4.04
CA TRP D 170 -1.11 17.74 2.77
C TRP D 170 -2.40 17.84 1.98
N ASN D 171 -2.74 19.06 1.58
CA ASN D 171 -3.96 19.35 0.81
C ASN D 171 -5.21 18.84 1.54
N SER D 172 -5.25 19.13 2.84
CA SER D 172 -6.39 18.74 3.70
C SER D 172 -6.60 17.24 3.70
N GLY D 173 -5.51 16.49 3.67
CA GLY D 173 -5.56 15.04 3.67
C GLY D 173 -5.75 14.39 2.32
N ALA D 174 -5.85 15.18 1.24
CA ALA D 174 -6.04 14.59 -0.08
C ALA D 174 -4.76 14.00 -0.63
N LEU D 175 -3.60 14.46 -0.16
CA LEU D 175 -2.30 13.99 -0.64
C LEU D 175 -1.65 13.18 0.48
N THR D 176 -1.65 11.85 0.32
CA THR D 176 -0.98 10.96 1.26
C THR D 176 0.10 10.10 0.61
N SER D 177 0.23 10.15 -0.71
CA SER D 177 1.20 9.31 -1.40
C SER D 177 2.60 9.91 -1.30
N GLY D 178 3.56 9.10 -0.86
CA GLY D 178 4.94 9.55 -0.76
C GLY D 178 5.19 10.60 0.30
N VAL D 179 4.35 10.66 1.33
CA VAL D 179 4.49 11.65 2.39
C VAL D 179 5.29 11.02 3.54
N HIS D 180 6.32 11.73 4.00
CA HIS D 180 7.11 11.33 5.15
C HIS D 180 7.17 12.49 6.12
N THR D 181 6.53 12.33 7.29
CA THR D 181 6.59 13.31 8.36
C THR D 181 7.59 12.80 9.40
N PHE D 182 8.73 13.48 9.50
CA PHE D 182 9.81 13.00 10.33
C PHE D 182 9.52 13.22 11.81
N PRO D 183 9.99 12.33 12.67
CA PRO D 183 9.86 12.55 14.12
C PRO D 183 10.51 13.86 14.53
N ALA D 184 9.92 14.49 15.56
CA ALA D 184 10.42 15.77 16.03
C ALA D 184 11.77 15.60 16.72
N VAL D 185 12.70 16.49 16.40
CA VAL D 185 14.01 16.53 17.07
C VAL D 185 13.94 17.57 18.18
N LEU D 186 14.63 17.30 19.28
CA LEU D 186 14.67 18.21 20.42
C LEU D 186 15.95 19.04 20.30
N GLN D 187 15.79 20.30 19.87
CA GLN D 187 16.93 21.17 19.67
C GLN D 187 17.57 21.54 21.01
N SER D 188 18.71 22.22 20.92
CA SER D 188 19.40 22.66 22.14
C SER D 188 18.59 23.70 22.91
N SER D 189 17.69 24.41 22.24
CA SER D 189 16.84 25.40 22.90
C SER D 189 15.67 24.77 23.66
N GLY D 190 15.61 23.44 23.74
CA GLY D 190 14.50 22.78 24.38
C GLY D 190 13.22 22.72 23.57
N LEU D 191 13.21 23.32 22.38
CA LEU D 191 12.04 23.33 21.52
C LEU D 191 12.15 22.22 20.47
N TYR D 192 11.00 21.78 19.99
CA TYR D 192 10.93 20.69 19.02
C TYR D 192 10.83 21.22 17.61
N SER D 193 11.39 20.45 16.66
CA SER D 193 11.37 20.82 15.26
C SER D 193 11.34 19.56 14.42
N LEU D 194 10.43 19.52 13.44
CA LEU D 194 10.34 18.40 12.53
C LEU D 194 10.13 18.94 11.11
N SER D 195 10.08 18.02 10.15
CA SER D 195 9.83 18.37 8.77
C SER D 195 8.92 17.32 8.16
N SER D 196 7.98 17.77 7.33
CA SER D 196 7.08 16.88 6.62
C SER D 196 7.26 17.10 5.12
N VAL D 197 7.71 16.07 4.42
CA VAL D 197 8.06 16.17 3.01
C VAL D 197 7.15 15.25 2.20
N VAL D 198 7.11 15.53 0.89
CA VAL D 198 6.37 14.71 -0.06
C VAL D 198 7.06 14.83 -1.42
N THR D 199 7.16 13.70 -2.10
CA THR D 199 7.73 13.63 -3.44
C THR D 199 6.59 13.57 -4.45
N VAL D 200 6.65 14.45 -5.46
CA VAL D 200 5.59 14.56 -6.47
C VAL D 200 6.24 14.55 -7.85
N PRO D 201 5.46 14.37 -8.92
CA PRO D 201 6.05 14.51 -10.26
C PRO D 201 6.40 15.95 -10.55
N SER D 202 7.57 16.15 -11.18
CA SER D 202 8.00 17.49 -11.55
C SER D 202 7.08 18.11 -12.59
N SER D 203 6.32 17.30 -13.33
CA SER D 203 5.36 17.84 -14.28
C SER D 203 4.13 18.43 -13.58
N SER D 204 3.88 18.05 -12.33
CA SER D 204 2.74 18.54 -11.58
C SER D 204 3.06 19.80 -10.78
N LEU D 205 4.30 20.29 -10.83
CA LEU D 205 4.66 21.46 -10.05
C LEU D 205 3.99 22.72 -10.57
N GLY D 206 3.79 22.82 -11.88
CA GLY D 206 3.17 23.99 -12.47
C GLY D 206 1.66 23.96 -12.54
N THR D 207 1.03 22.89 -12.05
CA THR D 207 -0.42 22.75 -12.11
C THR D 207 -1.05 22.52 -10.74
N GLN D 208 -0.53 21.55 -9.99
CA GLN D 208 -1.14 21.19 -8.71
C GLN D 208 -0.64 22.10 -7.59
N THR D 209 -1.57 22.51 -6.72
CA THR D 209 -1.23 23.32 -5.55
C THR D 209 -0.93 22.41 -4.37
N TYR D 210 0.14 22.73 -3.64
CA TYR D 210 0.59 21.93 -2.51
C TYR D 210 0.55 22.81 -1.26
N ILE D 211 -0.33 22.45 -0.32
CA ILE D 211 -0.52 23.18 0.92
C ILE D 211 -0.35 22.22 2.08
N CYS D 212 0.59 22.50 2.98
CA CYS D 212 0.77 21.71 4.17
C CYS D 212 -0.06 22.30 5.31
N ASN D 213 -0.80 21.45 6.00
CA ASN D 213 -1.67 21.85 7.10
C ASN D 213 -1.06 21.36 8.40
N VAL D 214 -0.62 22.29 9.24
CA VAL D 214 0.06 21.99 10.49
C VAL D 214 -0.84 22.38 11.64
N ASN D 215 -0.97 21.49 12.62
CA ASN D 215 -1.82 21.70 13.79
C ASN D 215 -1.03 21.38 15.05
N HIS D 216 -0.87 22.38 15.91
CA HIS D 216 -0.28 22.22 17.24
C HIS D 216 -1.36 22.63 18.24
N LYS D 217 -2.05 21.65 18.79
CA LYS D 217 -3.24 21.86 19.63
C LYS D 217 -2.93 22.40 21.02
N PRO D 218 -1.83 22.01 21.67
CA PRO D 218 -1.50 22.66 22.96
C PRO D 218 -1.38 24.17 22.87
N SER D 219 -1.01 24.71 21.72
CA SER D 219 -0.92 26.16 21.53
C SER D 219 -2.03 26.71 20.63
N ASN D 220 -2.97 25.86 20.21
CA ASN D 220 -4.11 26.28 19.38
C ASN D 220 -3.64 26.94 18.08
N THR D 221 -2.67 26.29 17.43
CA THR D 221 -2.07 26.82 16.21
C THR D 221 -2.49 25.96 15.02
N LYS D 222 -3.15 26.59 14.05
CA LYS D 222 -3.53 25.94 12.80
C LYS D 222 -3.02 26.80 11.65
N VAL D 223 -2.15 26.21 10.82
CA VAL D 223 -1.49 26.96 9.74
C VAL D 223 -1.59 26.16 8.45
N ASP D 224 -1.98 26.84 7.36
CA ASP D 224 -2.00 26.26 6.03
C ASP D 224 -0.97 27.00 5.19
N LYS D 225 0.19 26.37 4.97
CA LYS D 225 1.31 26.98 4.26
C LYS D 225 1.32 26.47 2.82
N ARG D 226 1.28 27.40 1.87
CA ARG D 226 1.37 27.08 0.45
C ARG D 226 2.83 26.93 0.05
N VAL D 227 3.20 25.76 -0.45
CA VAL D 227 4.57 25.45 -0.85
C VAL D 227 4.66 25.60 -2.36
N GLU D 228 5.43 26.58 -2.82
CA GLU D 228 5.60 26.86 -4.23
C GLU D 228 7.08 26.85 -4.60
N PRO D 229 7.41 26.53 -5.86
CA PRO D 229 8.80 26.66 -6.30
C PRO D 229 9.27 28.11 -6.21
N LYS D 230 10.54 28.28 -5.87
CA LYS D 230 11.10 29.61 -5.70
C LYS D 230 11.24 30.31 -7.05
N SER D 231 10.74 31.54 -7.13
CA SER D 231 10.82 32.32 -8.36
C SER D 231 11.59 33.61 -8.13
N ASP E 1 0.99 -9.57 41.54
CA ASP E 1 0.60 -9.41 40.15
C ASP E 1 1.25 -10.47 39.27
N ILE E 2 0.68 -10.69 38.09
CA ILE E 2 1.21 -11.65 37.13
C ILE E 2 2.14 -10.93 36.18
N GLN E 3 3.35 -11.45 36.01
CA GLN E 3 4.35 -10.85 35.14
C GLN E 3 4.45 -11.63 33.82
N LEU E 4 4.50 -10.89 32.72
CA LEU E 4 4.58 -11.45 31.39
C LEU E 4 5.93 -11.10 30.78
N THR E 5 6.76 -12.12 30.54
CA THR E 5 8.05 -11.96 29.88
C THR E 5 7.87 -12.27 28.40
N GLN E 6 8.08 -11.25 27.55
CA GLN E 6 7.91 -11.38 26.11
C GLN E 6 9.27 -11.48 25.43
N SER E 7 9.39 -12.42 24.50
CA SER E 7 10.66 -12.68 23.81
C SER E 7 10.41 -12.84 22.32
N PRO E 8 11.33 -12.37 21.48
CA PRO E 8 12.57 -11.65 21.81
C PRO E 8 12.32 -10.16 22.01
N SER E 9 13.37 -9.37 22.24
CA SER E 9 13.20 -7.93 22.33
C SER E 9 12.92 -7.33 20.96
N SER E 10 13.60 -7.80 19.93
CA SER E 10 13.38 -7.36 18.56
C SER E 10 13.95 -8.42 17.62
N LEU E 11 13.40 -8.50 16.42
CA LEU E 11 13.89 -9.48 15.47
C LEU E 11 13.68 -8.93 14.07
N SER E 12 14.51 -9.40 13.13
CA SER E 12 14.42 -8.98 11.73
C SER E 12 14.28 -10.21 10.85
N ALA E 13 13.24 -10.21 10.02
CA ALA E 13 12.99 -11.33 9.11
C ALA E 13 12.57 -10.81 7.75
N SER E 14 12.72 -11.67 6.74
CA SER E 14 12.37 -11.28 5.38
C SER E 14 10.88 -11.48 5.12
N VAL E 15 10.41 -10.87 4.03
CA VAL E 15 9.00 -11.01 3.65
C VAL E 15 8.73 -12.44 3.23
N GLY E 16 7.73 -13.07 3.85
CA GLY E 16 7.40 -14.45 3.59
C GLY E 16 7.97 -15.43 4.59
N ASP E 17 8.74 -14.97 5.56
CA ASP E 17 9.32 -15.85 6.57
C ASP E 17 8.29 -16.15 7.66
N ARG E 18 8.58 -17.19 8.44
CA ARG E 18 7.76 -17.54 9.59
C ARG E 18 8.31 -16.83 10.83
N VAL E 19 7.44 -16.08 11.51
CA VAL E 19 7.82 -15.28 12.66
C VAL E 19 7.15 -15.86 13.91
N THR E 20 7.93 -16.04 14.97
CA THR E 20 7.47 -16.64 16.21
C THR E 20 7.86 -15.76 17.39
N ILE E 21 6.88 -15.41 18.22
CA ILE E 21 7.08 -14.62 19.42
C ILE E 21 6.52 -15.41 20.60
N THR E 22 7.19 -15.31 21.75
CA THR E 22 6.79 -16.07 22.93
C THR E 22 6.46 -15.13 24.08
N CYS E 23 5.56 -15.58 24.95
CA CYS E 23 5.16 -14.81 26.13
C CYS E 23 4.94 -15.79 27.28
N GLN E 24 5.72 -15.63 28.35
CA GLN E 24 5.65 -16.50 29.51
C GLN E 24 5.05 -15.76 30.69
N ALA E 25 4.03 -16.36 31.31
CA ALA E 25 3.40 -15.78 32.49
C ALA E 25 4.08 -16.28 33.75
N SER E 26 4.14 -15.39 34.76
CA SER E 26 4.76 -15.77 36.02
C SER E 26 3.97 -16.85 36.75
N GLN E 27 2.65 -16.88 36.54
CA GLN E 27 1.78 -17.89 37.12
C GLN E 27 0.91 -18.48 36.02
N ASP E 28 0.12 -19.49 36.39
CA ASP E 28 -0.83 -20.09 35.45
C ASP E 28 -1.96 -19.11 35.19
N ILE E 29 -2.17 -18.76 33.92
CA ILE E 29 -3.23 -17.83 33.54
C ILE E 29 -4.22 -18.50 32.59
N SER E 30 -4.22 -19.83 32.53
CA SER E 30 -5.12 -20.62 31.67
C SER E 30 -4.88 -20.17 30.23
N ASN E 31 -5.92 -19.76 29.49
CA ASN E 31 -5.76 -19.25 28.14
C ASN E 31 -6.10 -17.77 28.04
N TYR E 32 -6.20 -17.06 29.17
CA TYR E 32 -6.59 -15.65 29.20
C TYR E 32 -5.39 -14.80 28.80
N LEU E 33 -5.07 -14.84 27.51
CA LEU E 33 -3.93 -14.13 26.97
C LEU E 33 -4.29 -13.59 25.59
N ASN E 34 -4.01 -12.32 25.36
CA ASN E 34 -4.35 -11.64 24.12
C ASN E 34 -3.08 -11.06 23.49
N TRP E 35 -3.10 -10.94 22.17
CA TRP E 35 -1.99 -10.42 21.39
C TRP E 35 -2.46 -9.20 20.61
N TYR E 36 -1.82 -8.06 20.86
CA TYR E 36 -2.09 -6.80 20.18
C TYR E 36 -0.92 -6.41 19.29
N GLN E 37 -1.25 -5.66 18.24
CA GLN E 37 -0.28 -5.10 17.30
C GLN E 37 -0.40 -3.60 17.31
N GLN E 38 0.73 -2.90 17.52
CA GLN E 38 0.76 -1.45 17.56
C GLN E 38 1.72 -0.95 16.50
N ARG E 39 1.18 -0.26 15.50
CA ARG E 39 1.99 0.39 14.48
C ARG E 39 2.50 1.73 15.00
N PRO E 40 3.58 2.25 14.43
CA PRO E 40 4.17 3.50 14.95
C PRO E 40 3.16 4.65 14.94
N GLY E 41 3.00 5.28 16.10
CA GLY E 41 2.08 6.39 16.25
C GLY E 41 0.62 6.00 16.38
N LYS E 42 0.29 4.72 16.32
CA LYS E 42 -1.08 4.25 16.38
C LYS E 42 -1.37 3.60 17.73
N ALA E 43 -2.65 3.31 17.95
CA ALA E 43 -3.08 2.59 19.13
C ALA E 43 -2.90 1.09 18.92
N PRO E 44 -2.78 0.32 20.00
CA PRO E 44 -2.69 -1.14 19.84
C PRO E 44 -3.96 -1.70 19.23
N LYS E 45 -3.78 -2.65 18.31
CA LYS E 45 -4.88 -3.29 17.60
C LYS E 45 -4.93 -4.76 17.98
N LEU E 46 -6.07 -5.19 18.51
CA LEU E 46 -6.23 -6.57 18.95
C LEU E 46 -6.20 -7.51 17.75
N LEU E 47 -5.23 -8.43 17.74
CA LEU E 47 -5.17 -9.46 16.72
C LEU E 47 -5.65 -10.81 17.24
N ILE E 48 -5.19 -11.24 18.42
CA ILE E 48 -5.56 -12.53 18.98
C ILE E 48 -6.17 -12.31 20.35
N TYR E 49 -7.23 -13.05 20.66
CA TYR E 49 -7.80 -13.04 22.00
C TYR E 49 -7.99 -14.46 22.50
N ASP E 50 -7.87 -14.63 23.81
CA ASP E 50 -7.98 -15.93 24.46
C ASP E 50 -7.01 -16.94 23.83
N ALA E 51 -5.73 -16.55 23.79
CA ALA E 51 -4.62 -17.40 23.37
C ALA E 51 -4.61 -17.72 21.89
N SER E 52 -5.75 -18.15 21.33
CA SER E 52 -5.73 -18.73 19.99
C SER E 52 -6.87 -18.29 19.07
N ASN E 53 -7.71 -17.35 19.49
CA ASN E 53 -8.86 -16.93 18.69
C ASN E 53 -8.51 -15.68 17.89
N LEU E 54 -8.85 -15.69 16.61
CA LEU E 54 -8.57 -14.57 15.73
C LEU E 54 -9.69 -13.54 15.79
N GLU E 55 -9.32 -12.26 15.83
CA GLU E 55 -10.28 -11.17 15.78
C GLU E 55 -10.80 -11.01 14.36
N THR E 56 -12.03 -10.49 14.25
CA THR E 56 -12.66 -10.27 12.94
C THR E 56 -11.76 -9.44 12.04
N GLY E 57 -11.51 -9.95 10.84
CA GLY E 57 -10.70 -9.25 9.86
C GLY E 57 -9.21 -9.54 9.93
N VAL E 58 -8.77 -10.28 10.93
CA VAL E 58 -7.35 -10.60 11.06
C VAL E 58 -7.00 -11.67 10.03
N PRO E 59 -5.94 -11.48 9.23
CA PRO E 59 -5.58 -12.49 8.24
C PRO E 59 -5.29 -13.83 8.88
N SER E 60 -5.53 -14.90 8.11
CA SER E 60 -5.32 -16.25 8.61
C SER E 60 -3.86 -16.60 8.83
N ARG E 61 -2.93 -15.77 8.35
CA ARG E 61 -1.51 -16.01 8.61
C ARG E 61 -1.14 -15.75 10.06
N PHE E 62 -1.96 -15.02 10.81
CA PHE E 62 -1.75 -14.82 12.23
C PHE E 62 -2.40 -15.95 13.01
N SER E 63 -1.69 -16.40 14.05
CA SER E 63 -2.21 -17.49 14.88
C SER E 63 -1.63 -17.39 16.28
N GLY E 64 -2.32 -18.01 17.23
CA GLY E 64 -1.84 -18.06 18.59
C GLY E 64 -2.04 -19.45 19.16
N SER E 65 -1.25 -19.75 20.20
CA SER E 65 -1.32 -21.05 20.84
C SER E 65 -0.78 -20.94 22.25
N GLY E 66 -1.12 -21.93 23.07
CA GLY E 66 -0.61 -21.98 24.43
C GLY E 66 -1.69 -21.98 25.49
N SER E 67 -1.39 -22.60 26.64
CA SER E 67 -2.31 -22.64 27.76
C SER E 67 -1.51 -22.90 29.03
N GLY E 68 -1.72 -22.06 30.03
CA GLY E 68 -0.98 -22.18 31.28
C GLY E 68 -0.06 -21.00 31.53
N THR E 69 1.22 -21.16 31.19
CA THR E 69 2.20 -20.10 31.36
C THR E 69 2.93 -19.71 30.09
N ASP E 70 3.06 -20.62 29.12
CA ASP E 70 3.80 -20.38 27.89
C ASP E 70 2.82 -20.18 26.74
N PHE E 71 3.00 -19.09 25.99
CA PHE E 71 2.14 -18.77 24.86
C PHE E 71 2.99 -18.36 23.67
N THR E 72 2.46 -18.65 22.47
CA THR E 72 3.18 -18.44 21.22
C THR E 72 2.28 -17.69 20.24
N PHE E 73 2.84 -16.68 19.59
CA PHE E 73 2.18 -15.93 18.53
C PHE E 73 2.97 -16.13 17.25
N THR E 74 2.28 -16.48 16.17
CA THR E 74 2.94 -16.92 14.95
C THR E 74 2.37 -16.20 13.74
N ILE E 75 3.26 -15.65 12.92
CA ILE E 75 2.93 -15.16 11.59
C ILE E 75 3.50 -16.15 10.58
N SER E 76 2.62 -16.86 9.87
CA SER E 76 3.08 -17.92 8.98
C SER E 76 3.81 -17.37 7.76
N SER E 77 3.46 -16.16 7.31
CA SER E 77 4.09 -15.55 6.14
C SER E 77 4.16 -14.05 6.37
N LEU E 78 5.34 -13.57 6.76
CA LEU E 78 5.51 -12.15 7.06
C LEU E 78 5.24 -11.29 5.84
N GLN E 79 4.50 -10.21 6.05
CA GLN E 79 4.13 -9.27 5.00
C GLN E 79 4.63 -7.87 5.33
N PRO E 80 4.82 -7.01 4.32
CA PRO E 80 5.35 -5.66 4.60
C PRO E 80 4.50 -4.85 5.57
N GLU E 81 3.19 -5.04 5.58
CA GLU E 81 2.33 -4.28 6.48
C GLU E 81 2.41 -4.74 7.93
N ASP E 82 2.99 -5.91 8.18
CA ASP E 82 3.11 -6.45 9.53
C ASP E 82 4.15 -5.71 10.38
N ILE E 83 4.73 -4.61 9.91
CA ILE E 83 5.74 -3.90 10.70
C ILE E 83 5.04 -3.21 11.87
N ALA E 84 5.51 -3.51 13.09
CA ALA E 84 4.89 -3.01 14.32
C ALA E 84 5.57 -3.57 15.57
N THR E 85 5.07 -3.17 16.73
CA THR E 85 5.46 -3.76 18.01
C THR E 85 4.29 -4.57 18.56
N TYR E 86 4.56 -5.80 18.96
CA TYR E 86 3.53 -6.73 19.39
C TYR E 86 3.57 -6.90 20.90
N TYR E 87 2.40 -6.99 21.52
CA TYR E 87 2.29 -7.08 22.97
C TYR E 87 1.38 -8.23 23.36
N CYS E 88 1.72 -8.90 24.46
CA CYS E 88 0.86 -9.91 25.08
C CYS E 88 0.29 -9.35 26.37
N GLN E 89 -0.98 -9.66 26.63
CA GLN E 89 -1.69 -9.10 27.77
C GLN E 89 -2.56 -10.18 28.41
N GLN E 90 -2.45 -10.32 29.72
CA GLN E 90 -3.27 -11.28 30.45
C GLN E 90 -4.38 -10.57 31.21
N TYR E 91 -5.52 -11.26 31.33
CA TYR E 91 -6.63 -10.77 32.16
C TYR E 91 -7.17 -11.87 33.07
N ASP E 92 -6.35 -12.89 33.36
CA ASP E 92 -6.77 -13.94 34.29
C ASP E 92 -7.04 -13.36 35.68
N ASN E 93 -6.29 -12.33 36.08
CA ASN E 93 -6.47 -11.71 37.38
C ASN E 93 -6.02 -10.25 37.30
N PRO E 94 -6.72 -9.34 37.95
CA PRO E 94 -6.30 -7.93 37.96
C PRO E 94 -5.14 -7.73 38.92
N PRO E 95 -4.32 -6.68 38.72
CA PRO E 95 -4.38 -5.70 37.62
C PRO E 95 -3.94 -6.29 36.29
N LEU E 96 -4.59 -5.91 35.19
CA LEU E 96 -4.20 -6.39 33.88
C LEU E 96 -2.79 -5.91 33.55
N THR E 97 -1.99 -6.80 32.98
CA THR E 97 -0.59 -6.51 32.68
C THR E 97 -0.29 -6.81 31.22
N PHE E 98 0.70 -6.11 30.69
CA PHE E 98 1.13 -6.28 29.31
C PHE E 98 2.56 -6.80 29.27
N GLY E 99 2.90 -7.42 28.15
CA GLY E 99 4.27 -7.85 27.93
C GLY E 99 5.18 -6.68 27.59
N GLY E 100 6.49 -6.95 27.67
CA GLY E 100 7.46 -5.92 27.37
C GLY E 100 7.42 -5.43 25.93
N GLY E 101 6.88 -6.22 25.03
CA GLY E 101 6.78 -5.83 23.64
C GLY E 101 7.87 -6.44 22.79
N THR E 102 7.56 -6.70 21.53
CA THR E 102 8.50 -7.27 20.57
C THR E 102 8.39 -6.46 19.29
N LYS E 103 9.46 -5.75 18.93
CA LYS E 103 9.49 -4.94 17.72
C LYS E 103 9.88 -5.80 16.53
N LEU E 104 8.99 -5.88 15.54
CA LEU E 104 9.21 -6.68 14.33
C LEU E 104 9.74 -5.80 13.20
N GLU E 105 10.91 -6.17 12.69
CA GLU E 105 11.54 -5.48 11.57
C GLU E 105 11.67 -6.42 10.38
N ILE E 106 11.79 -5.81 9.19
CA ILE E 106 11.75 -6.55 7.93
C ILE E 106 13.08 -6.37 7.21
N LYS E 107 13.61 -7.48 6.69
CA LYS E 107 14.84 -7.48 5.92
C LYS E 107 14.49 -7.59 4.43
N ARG E 108 14.90 -6.60 3.65
CA ARG E 108 14.62 -6.55 2.22
C ARG E 108 15.92 -6.32 1.45
N THR E 109 15.80 -6.20 0.13
CA THR E 109 16.97 -5.96 -0.71
C THR E 109 17.50 -4.54 -0.50
N VAL E 110 18.72 -4.32 -0.96
CA VAL E 110 19.37 -3.03 -0.79
C VAL E 110 18.73 -2.00 -1.71
N ALA E 111 18.34 -0.86 -1.14
CA ALA E 111 17.75 0.23 -1.90
C ALA E 111 18.54 1.51 -1.62
N ALA E 112 19.01 2.16 -2.68
CA ALA E 112 19.78 3.38 -2.51
C ALA E 112 18.84 4.56 -2.24
N PRO E 113 19.25 5.50 -1.41
CA PRO E 113 18.39 6.65 -1.11
C PRO E 113 18.37 7.67 -2.23
N SER E 114 17.24 8.37 -2.34
CA SER E 114 17.13 9.53 -3.22
C SER E 114 17.41 10.77 -2.38
N VAL E 115 18.44 11.52 -2.78
CA VAL E 115 18.94 12.63 -1.96
C VAL E 115 18.45 13.95 -2.53
N PHE E 116 17.87 14.78 -1.66
CA PHE E 116 17.44 16.12 -2.02
C PHE E 116 18.01 17.10 -1.00
N ILE E 117 18.15 18.35 -1.41
CA ILE E 117 18.69 19.39 -0.53
C ILE E 117 17.78 20.61 -0.61
N PHE E 118 17.53 21.24 0.54
CA PHE E 118 16.58 22.33 0.67
C PHE E 118 17.26 23.50 1.36
N PRO E 119 17.42 24.64 0.70
CA PRO E 119 17.99 25.82 1.34
C PRO E 119 17.03 26.42 2.36
N PRO E 120 17.49 27.35 3.19
CA PRO E 120 16.56 28.01 4.12
C PRO E 120 15.65 28.98 3.39
N SER E 121 14.44 29.12 3.92
CA SER E 121 13.47 30.03 3.32
C SER E 121 13.77 31.47 3.70
N ASP E 122 13.36 32.40 2.84
CA ASP E 122 13.51 33.81 3.15
C ASP E 122 12.72 34.18 4.39
N GLU E 123 11.55 33.56 4.58
CA GLU E 123 10.74 33.80 5.76
C GLU E 123 11.51 33.44 7.03
N GLN E 124 12.31 32.38 6.99
CA GLN E 124 13.14 32.03 8.13
C GLN E 124 14.38 32.90 8.21
N LEU E 125 14.94 33.30 7.05
CA LEU E 125 16.10 34.19 7.06
C LEU E 125 15.76 35.54 7.68
N LYS E 126 14.49 35.94 7.65
CA LYS E 126 14.09 37.15 8.36
C LYS E 126 14.32 37.03 9.87
N SER E 127 14.32 35.80 10.40
CA SER E 127 14.39 35.57 11.83
C SER E 127 15.81 35.45 12.36
N GLY E 128 16.82 35.48 11.50
CA GLY E 128 18.20 35.39 11.94
C GLY E 128 18.76 33.99 12.02
N THR E 129 17.94 32.97 11.78
CA THR E 129 18.37 31.58 11.82
C THR E 129 18.13 30.96 10.45
N ALA E 130 19.06 30.11 10.00
CA ALA E 130 18.96 29.43 8.72
C ALA E 130 19.02 27.93 8.95
N SER E 131 18.03 27.22 8.39
CA SER E 131 17.94 25.77 8.54
C SER E 131 17.98 25.14 7.15
N VAL E 132 19.10 24.50 6.83
CA VAL E 132 19.23 23.78 5.57
C VAL E 132 18.87 22.33 5.84
N VAL E 133 18.25 21.66 4.88
CA VAL E 133 17.75 20.30 5.08
C VAL E 133 18.31 19.39 3.99
N CYS E 134 18.69 18.17 4.38
CA CYS E 134 19.08 17.13 3.43
C CYS E 134 18.22 15.91 3.65
N LEU E 135 17.53 15.46 2.61
CA LEU E 135 16.58 14.36 2.67
C LEU E 135 17.13 13.14 1.95
N LEU E 136 17.07 11.99 2.61
CA LEU E 136 17.45 10.70 2.06
C LEU E 136 16.19 9.85 2.04
N ASN E 137 15.60 9.67 0.87
CA ASN E 137 14.28 9.08 0.73
C ASN E 137 14.35 7.64 0.27
N ASN E 138 13.56 6.79 0.93
CA ASN E 138 13.33 5.40 0.55
C ASN E 138 14.62 4.64 0.32
N PHE E 139 15.25 4.20 1.41
CA PHE E 139 16.49 3.45 1.32
C PHE E 139 16.46 2.29 2.31
N TYR E 140 17.26 1.26 2.02
CA TYR E 140 17.46 0.14 2.90
C TYR E 140 18.87 -0.37 2.65
N PRO E 141 19.63 -0.72 3.70
CA PRO E 141 19.25 -0.76 5.12
C PRO E 141 19.18 0.60 5.81
N ARG E 142 19.04 0.59 7.13
CA ARG E 142 18.84 1.83 7.88
C ARG E 142 20.11 2.66 7.97
N GLU E 143 21.28 2.01 7.93
CA GLU E 143 22.54 2.72 8.16
C GLU E 143 22.92 3.58 6.95
N ALA E 144 23.28 4.82 7.21
CA ALA E 144 23.74 5.74 6.18
C ALA E 144 24.49 6.89 6.86
N LYS E 145 25.31 7.59 6.09
CA LYS E 145 26.12 8.67 6.62
C LYS E 145 25.91 9.94 5.80
N VAL E 146 25.62 11.04 6.51
CA VAL E 146 25.42 12.35 5.91
C VAL E 146 26.53 13.27 6.40
N GLN E 147 27.13 14.01 5.47
CA GLN E 147 28.24 14.91 5.77
C GLN E 147 27.94 16.28 5.18
N TRP E 148 27.86 17.30 6.03
CA TRP E 148 27.57 18.65 5.58
C TRP E 148 28.87 19.37 5.22
N LYS E 149 28.83 20.13 4.12
CA LYS E 149 29.97 20.92 3.68
C LYS E 149 29.53 22.33 3.36
N VAL E 150 30.22 23.31 3.94
CA VAL E 150 29.98 24.74 3.70
C VAL E 150 31.26 25.31 3.12
N ASP E 151 31.21 25.67 1.84
CA ASP E 151 32.41 26.08 1.08
C ASP E 151 33.48 25.00 1.17
N ASN E 152 33.06 23.75 1.01
CA ASN E 152 33.88 22.54 1.07
C ASN E 152 34.42 22.26 2.46
N ALA E 153 34.07 23.05 3.47
CA ALA E 153 34.53 22.82 4.83
C ALA E 153 33.55 21.89 5.55
N LEU E 154 34.08 20.82 6.13
CA LEU E 154 33.24 19.84 6.80
C LEU E 154 32.69 20.41 8.10
N GLN E 155 31.43 20.12 8.37
CA GLN E 155 30.74 20.61 9.56
C GLN E 155 30.55 19.48 10.56
N SER E 156 30.24 19.87 11.80
CA SER E 156 30.00 18.90 12.87
C SER E 156 29.34 19.61 14.04
N GLY E 157 28.45 18.91 14.73
CA GLY E 157 27.82 19.41 15.93
C GLY E 157 26.74 20.45 15.73
N ASN E 158 26.51 20.91 14.51
CA ASN E 158 25.46 21.88 14.22
C ASN E 158 24.33 21.28 13.39
N SER E 159 24.19 19.96 13.41
CA SER E 159 23.16 19.28 12.63
C SER E 159 22.52 18.18 13.49
N GLN E 160 21.26 17.88 13.17
CA GLN E 160 20.53 16.82 13.85
C GLN E 160 19.81 15.95 12.83
N GLU E 161 19.77 14.64 13.11
CA GLU E 161 19.18 13.67 12.20
C GLU E 161 17.87 13.14 12.75
N SER E 162 17.01 12.70 11.84
CA SER E 162 15.73 12.08 12.21
C SER E 162 15.39 11.02 11.17
N VAL E 163 15.14 9.79 11.63
CA VAL E 163 14.87 8.66 10.75
C VAL E 163 13.43 8.21 10.95
N THR E 164 12.74 7.96 9.84
CA THR E 164 11.39 7.42 9.90
C THR E 164 11.44 5.92 10.18
N GLU E 165 10.33 5.40 10.71
CA GLU E 165 10.19 3.96 10.87
C GLU E 165 10.16 3.28 9.50
N GLN E 166 10.35 1.96 9.52
CA GLN E 166 10.30 1.20 8.28
C GLN E 166 8.92 1.35 7.64
N ASP E 167 8.91 1.85 6.40
CA ASP E 167 7.66 2.08 5.69
C ASP E 167 6.87 0.79 5.57
N SER E 168 5.59 0.84 5.91
CA SER E 168 4.74 -0.34 5.97
C SER E 168 4.48 -0.96 4.60
N LYS E 169 5.01 -0.39 3.52
CA LYS E 169 4.74 -0.90 2.18
C LYS E 169 6.01 -1.39 1.48
N ASP E 170 7.00 -0.52 1.27
CA ASP E 170 8.24 -0.92 0.61
C ASP E 170 9.34 -1.30 1.60
N SER E 171 9.07 -1.24 2.91
CA SER E 171 10.02 -1.64 3.94
C SER E 171 11.32 -0.84 3.87
N THR E 172 11.23 0.42 3.46
CA THR E 172 12.39 1.29 3.38
C THR E 172 12.34 2.34 4.49
N TYR E 173 13.44 3.06 4.64
CA TYR E 173 13.57 4.12 5.64
C TYR E 173 13.74 5.46 4.94
N SER E 174 13.60 6.52 5.73
CA SER E 174 13.78 7.88 5.23
C SER E 174 14.40 8.72 6.34
N LEU E 175 15.41 9.51 5.97
CA LEU E 175 16.17 10.28 6.93
C LEU E 175 16.19 11.75 6.54
N SER E 176 16.20 12.61 7.55
CA SER E 176 16.26 14.06 7.37
C SER E 176 17.36 14.61 8.26
N SER E 177 18.29 15.36 7.68
CA SER E 177 19.36 16.00 8.41
C SER E 177 19.16 17.52 8.34
N THR E 178 19.00 18.13 9.51
CA THR E 178 18.78 19.57 9.61
C THR E 178 20.05 20.23 10.12
N LEU E 179 20.64 21.10 9.30
CA LEU E 179 21.78 21.91 9.67
C LEU E 179 21.28 23.31 10.04
N THR E 180 21.72 23.81 11.19
CA THR E 180 21.25 25.08 11.72
C THR E 180 22.42 26.04 11.87
N LEU E 181 22.28 27.23 11.29
CA LEU E 181 23.30 28.27 11.36
C LEU E 181 22.66 29.61 11.70
N SER E 182 23.50 30.55 12.09
CA SER E 182 23.04 31.93 12.22
C SER E 182 22.91 32.57 10.84
N LYS E 183 22.11 33.63 10.76
CA LYS E 183 21.92 34.29 9.47
C LYS E 183 23.22 34.90 8.97
N ALA E 184 24.04 35.43 9.88
CA ALA E 184 25.32 36.00 9.48
C ALA E 184 26.24 34.92 8.91
N ASP E 185 26.37 33.80 9.60
CA ASP E 185 27.22 32.72 9.11
C ASP E 185 26.67 32.10 7.83
N TYR E 186 25.34 32.07 7.69
CA TYR E 186 24.74 31.56 6.45
C TYR E 186 25.03 32.50 5.28
N GLU E 187 24.95 33.81 5.51
CA GLU E 187 25.22 34.78 4.47
C GLU E 187 26.70 34.95 4.18
N LYS E 188 27.57 34.48 5.08
CA LYS E 188 29.01 34.63 4.90
C LYS E 188 29.62 33.61 3.94
N HIS E 189 28.85 32.63 3.48
CA HIS E 189 29.36 31.59 2.60
C HIS E 189 28.45 31.42 1.40
N LYS E 190 28.87 30.57 0.47
CA LYS E 190 28.21 30.43 -0.83
C LYS E 190 27.72 29.01 -1.09
N VAL E 191 28.61 28.03 -1.11
CA VAL E 191 28.27 26.66 -1.50
C VAL E 191 27.83 25.88 -0.26
N TYR E 192 26.71 25.16 -0.38
CA TYR E 192 26.20 24.33 0.70
C TYR E 192 25.85 22.97 0.13
N ALA E 193 26.47 21.91 0.68
CA ALA E 193 26.32 20.57 0.12
C ALA E 193 26.09 19.57 1.24
N CYS E 194 25.36 18.51 0.92
CA CYS E 194 25.28 17.32 1.77
C CYS E 194 25.72 16.11 0.95
N GLU E 195 26.68 15.37 1.51
CA GLU E 195 27.27 14.19 0.89
C GLU E 195 26.74 12.96 1.61
N VAL E 196 26.25 11.99 0.84
CA VAL E 196 25.58 10.82 1.37
C VAL E 196 26.37 9.58 1.00
N THR E 197 26.65 8.73 1.98
CA THR E 197 27.26 7.43 1.75
C THR E 197 26.32 6.35 2.28
N HIS E 198 26.03 5.37 1.43
CA HIS E 198 25.10 4.30 1.75
C HIS E 198 25.55 3.05 1.01
N GLN E 199 25.03 1.89 1.46
CA GLN E 199 25.42 0.62 0.86
C GLN E 199 24.99 0.52 -0.60
N GLY E 200 23.86 1.12 -0.95
CA GLY E 200 23.38 1.08 -2.32
C GLY E 200 24.07 2.03 -3.28
N LEU E 201 24.99 2.86 -2.79
CA LEU E 201 25.72 3.81 -3.60
C LEU E 201 27.15 3.33 -3.79
N SER E 202 27.62 3.31 -5.04
CA SER E 202 29.01 2.96 -5.30
C SER E 202 29.94 4.10 -4.95
N SER E 203 29.48 5.35 -5.10
CA SER E 203 30.21 6.54 -4.70
C SER E 203 29.30 7.44 -3.90
N PRO E 204 29.87 8.29 -3.03
CA PRO E 204 29.04 9.22 -2.27
C PRO E 204 28.32 10.19 -3.20
N VAL E 205 27.04 10.42 -2.92
CA VAL E 205 26.20 11.29 -3.73
C VAL E 205 26.10 12.63 -3.01
N THR E 206 26.52 13.70 -3.69
CA THR E 206 26.57 15.04 -3.10
C THR E 206 25.52 15.91 -3.78
N LYS E 207 24.60 16.44 -2.98
CA LYS E 207 23.62 17.42 -3.47
C LYS E 207 23.95 18.77 -2.86
N SER E 208 24.09 19.78 -3.71
CA SER E 208 24.58 21.08 -3.29
C SER E 208 23.75 22.20 -3.92
N PHE E 209 23.97 23.41 -3.42
CA PHE E 209 23.39 24.60 -4.01
C PHE E 209 24.26 25.80 -3.67
N ASN E 210 24.08 26.87 -4.44
CA ASN E 210 24.73 28.14 -4.20
C ASN E 210 23.71 29.13 -3.66
N ARG E 211 24.12 29.92 -2.66
CA ARG E 211 23.20 30.86 -2.03
C ARG E 211 22.84 31.97 -3.00
N GLY E 212 21.54 32.21 -3.17
CA GLY E 212 21.08 33.27 -4.04
C GLY E 212 21.28 33.01 -5.52
N GLU E 213 21.18 31.76 -5.95
CA GLU E 213 21.36 31.41 -7.36
C GLU E 213 20.30 30.42 -7.83
#